data_3DEK
#
_entry.id   3DEK
#
_cell.length_a   65.170
_cell.length_b   96.311
_cell.length_c   180.235
_cell.angle_alpha   90.000
_cell.angle_beta   90.000
_cell.angle_gamma   90.000
#
_symmetry.space_group_name_H-M   'P 21 21 21'
#
loop_
_entity.id
_entity.type
_entity.pdbx_description
1 polymer Caspase-3
2 non-polymer "N-[3-(2-fluoroethoxy)phenyl]-N'-(1,3,4-trioxo-1,2,3,4-tetrahydroisoquinolin-6-yl)butanediamide"
3 water water
#
_entity_poly.entity_id   1
_entity_poly.type   'polypeptide(L)'
_entity_poly.pdbx_seq_one_letter_code
;SGISLDNSYKMDYPEMGLCIIINNKNFHKSTGMTSRSGTDVDAANLRETFRNLKYEVRNKNDLTREEIVELMRDVSKEDH
SKRSSFVCVLLSHGEEGIIFGTNGPVDLKKITNFFRGDRCRSLTGKPKLFIIQA(OCS)RGTELDCGIETDSGVDDDMAC
HKIPVDADFLYAYSTAPGYYSWRNSKDGSWFIQSLCAMLKQYADKLEFMHILTRVNRKVATEFESFSFDATFHAKKQIPC
IVSMLTKELYFYH
;
_entity_poly.pdbx_strand_id   A,B,C,D
#
loop_
_chem_comp.id
_chem_comp.type
_chem_comp.name
_chem_comp.formula
RXD non-polymer N-[3-(2-fluoroethoxy)phenyl]-N'-(1,3,4-trioxo-1,2,3,4-tetrahydroisoquinolin-6-yl)butanediamide 'C21 H18 F N3 O6'
#
# COMPACT_ATOMS: atom_id res chain seq x y z
N ASP A 6 -17.84 28.07 -32.76
CA ASP A 6 -19.03 27.18 -32.54
C ASP A 6 -18.95 26.49 -31.18
N ASN A 7 -20.01 25.77 -30.81
CA ASN A 7 -20.08 25.10 -29.52
C ASN A 7 -19.61 23.65 -29.54
N SER A 8 -19.51 23.10 -30.75
CA SER A 8 -19.26 21.68 -30.96
C SER A 8 -18.05 21.45 -31.86
N TYR A 9 -17.18 20.50 -31.50
CA TYR A 9 -15.99 20.19 -32.32
C TYR A 9 -16.39 19.75 -33.72
N LYS A 10 -15.61 20.16 -34.70
CA LYS A 10 -15.82 19.71 -36.09
C LYS A 10 -15.41 18.22 -36.17
N MET A 11 -16.38 17.36 -36.38
CA MET A 11 -16.10 15.92 -36.47
C MET A 11 -16.36 15.36 -37.86
N ASP A 12 -16.48 16.25 -38.85
CA ASP A 12 -16.80 15.87 -40.23
C ASP A 12 -15.56 15.90 -41.15
N TYR A 13 -14.37 15.94 -40.54
CA TYR A 13 -13.12 15.72 -41.25
C TYR A 13 -13.21 14.38 -42.02
N PRO A 14 -12.39 14.21 -43.05
CA PRO A 14 -12.41 12.95 -43.84
C PRO A 14 -12.25 11.71 -42.96
N GLU A 15 -11.55 11.83 -41.83
CA GLU A 15 -11.35 10.72 -40.91
C GLU A 15 -11.64 11.11 -39.46
N MET A 16 -12.18 10.15 -38.70
CA MET A 16 -12.41 10.32 -37.27
C MET A 16 -11.09 10.48 -36.51
N GLY A 17 -10.18 9.52 -36.73
CA GLY A 17 -8.84 9.60 -36.18
C GLY A 17 -8.32 8.25 -35.72
N LEU A 18 -7.13 8.26 -35.15
CA LEU A 18 -6.51 7.08 -34.59
C LEU A 18 -7.10 6.74 -33.24
N CYS A 19 -7.19 5.43 -32.97
CA CYS A 19 -7.42 4.95 -31.63
C CYS A 19 -6.33 3.94 -31.31
N ILE A 20 -5.36 4.35 -30.50
CA ILE A 20 -4.29 3.45 -30.08
C ILE A 20 -4.65 2.81 -28.74
N ILE A 21 -4.59 1.49 -28.70
CA ILE A 21 -4.88 0.73 -27.49
C ILE A 21 -3.61 0.00 -27.03
N ILE A 22 -3.03 0.44 -25.91
CA ILE A 22 -1.87 -0.23 -25.33
C ILE A 22 -2.38 -1.17 -24.27
N ASN A 23 -2.24 -2.46 -24.55
CA ASN A 23 -2.76 -3.55 -23.73
C ASN A 23 -1.60 -4.31 -23.13
N ASN A 24 -1.32 -4.10 -21.85
CA ASN A 24 -0.24 -4.85 -21.20
C ASN A 24 -0.74 -5.93 -20.24
N LYS A 25 -0.39 -7.17 -20.55
CA LYS A 25 -0.83 -8.32 -19.77
C LYS A 25 0.33 -8.98 -19.01
N ASN A 26 1.41 -9.27 -19.71
CA ASN A 26 2.56 -9.96 -19.14
C ASN A 26 3.66 -8.97 -18.82
N PHE A 27 4.21 -9.08 -17.62
CA PHE A 27 5.25 -8.16 -17.16
C PHE A 27 6.56 -8.90 -16.88
N HIS A 28 7.68 -8.19 -16.97
CA HIS A 28 8.99 -8.81 -16.77
C HIS A 28 9.14 -9.38 -15.36
N LYS A 29 10.05 -10.35 -15.21
CA LYS A 29 10.29 -11.03 -13.94
C LYS A 29 10.85 -10.08 -12.86
N SER A 30 11.79 -9.22 -13.26
CA SER A 30 12.44 -8.28 -12.36
C SER A 30 11.51 -7.18 -11.83
N THR A 31 10.27 -7.16 -12.31
CA THR A 31 9.28 -6.16 -11.89
C THR A 31 8.48 -6.62 -10.66
N GLY A 32 8.29 -7.92 -10.54
CA GLY A 32 7.42 -8.48 -9.52
C GLY A 32 5.94 -8.25 -9.80
N MET A 33 5.65 -7.56 -10.91
CA MET A 33 4.27 -7.24 -11.27
C MET A 33 3.57 -8.47 -11.79
N THR A 34 2.27 -8.58 -11.49
CA THR A 34 1.50 -9.78 -11.82
C THR A 34 0.85 -9.61 -13.17
N SER A 35 0.36 -10.71 -13.75
CA SER A 35 -0.27 -10.60 -15.05
C SER A 35 -1.73 -10.22 -14.94
N ARG A 36 -2.15 -9.34 -15.84
CA ARG A 36 -3.49 -8.81 -15.83
C ARG A 36 -4.40 -9.70 -16.64
N SER A 37 -4.83 -10.80 -16.03
CA SER A 37 -5.73 -11.76 -16.67
C SER A 37 -7.00 -11.10 -17.16
N GLY A 38 -7.43 -11.47 -18.36
CA GLY A 38 -8.69 -10.98 -18.91
C GLY A 38 -8.60 -9.63 -19.60
N THR A 39 -7.44 -8.99 -19.52
CA THR A 39 -7.28 -7.68 -20.15
C THR A 39 -7.60 -7.70 -21.66
N ASP A 40 -7.33 -8.83 -22.31
CA ASP A 40 -7.67 -9.01 -23.72
C ASP A 40 -9.16 -8.79 -23.99
N VAL A 41 -10.00 -9.17 -23.04
CA VAL A 41 -11.44 -8.89 -23.12
C VAL A 41 -11.66 -7.39 -23.31
N ASP A 42 -11.03 -6.57 -22.46
CA ASP A 42 -11.13 -5.12 -22.60
C ASP A 42 -10.61 -4.65 -23.97
N ALA A 43 -9.42 -5.11 -24.33
CA ALA A 43 -8.80 -4.70 -25.59
C ALA A 43 -9.70 -4.98 -26.80
N ALA A 44 -10.22 -6.19 -26.88
CA ALA A 44 -11.12 -6.59 -27.96
C ALA A 44 -12.41 -5.76 -27.94
N ASN A 45 -13.00 -5.59 -26.76
CA ASN A 45 -14.20 -4.79 -26.59
C ASN A 45 -14.00 -3.36 -27.07
N LEU A 46 -12.88 -2.76 -26.67
CA LEU A 46 -12.54 -1.41 -27.12
C LEU A 46 -12.33 -1.33 -28.64
N ARG A 47 -11.61 -2.30 -29.20
CA ARG A 47 -11.27 -2.29 -30.63
C ARG A 47 -12.53 -2.23 -31.47
N GLU A 48 -13.48 -3.08 -31.14
CA GLU A 48 -14.74 -3.14 -31.86
C GLU A 48 -15.60 -1.88 -31.67
N THR A 49 -15.64 -1.36 -30.45
CA THR A 49 -16.39 -0.14 -30.14
C THR A 49 -15.89 1.04 -30.93
N PHE A 50 -14.58 1.20 -31.03
CA PHE A 50 -14.05 2.40 -31.70
C PHE A 50 -13.99 2.26 -33.22
N ARG A 51 -13.83 1.03 -33.71
CA ARG A 51 -13.96 0.71 -35.14
C ARG A 51 -15.37 1.07 -35.58
N ASN A 52 -16.37 0.70 -34.78
CA ASN A 52 -17.75 1.07 -35.07
C ASN A 52 -17.96 2.58 -35.02
N LEU A 53 -17.08 3.30 -34.33
CA LEU A 53 -17.12 4.74 -34.37
C LEU A 53 -16.30 5.32 -35.52
N LYS A 54 -15.81 4.44 -36.39
CA LYS A 54 -15.07 4.81 -37.60
C LYS A 54 -13.65 5.30 -37.35
N TYR A 55 -13.13 5.03 -36.14
CA TYR A 55 -11.71 5.26 -35.84
C TYR A 55 -10.85 4.21 -36.54
N GLU A 56 -9.63 4.60 -36.89
CA GLU A 56 -8.58 3.68 -37.34
C GLU A 56 -7.93 3.16 -36.06
N VAL A 57 -8.15 1.89 -35.75
CA VAL A 57 -7.70 1.32 -34.48
C VAL A 57 -6.42 0.54 -34.65
N ARG A 58 -5.42 0.85 -33.82
CA ARG A 58 -4.19 0.07 -33.76
C ARG A 58 -4.00 -0.48 -32.35
N ASN A 59 -3.93 -1.80 -32.26
CA ASN A 59 -3.71 -2.51 -31.00
C ASN A 59 -2.25 -2.86 -30.76
N LYS A 60 -1.75 -2.51 -29.57
CA LYS A 60 -0.42 -2.92 -29.16
C LYS A 60 -0.56 -3.84 -27.95
N ASN A 61 0.39 -4.76 -27.80
CA ASN A 61 0.36 -5.73 -26.72
C ASN A 61 1.72 -5.86 -26.08
N ASP A 62 1.75 -5.85 -24.75
CA ASP A 62 2.96 -6.13 -23.97
C ASP A 62 4.12 -5.22 -24.35
N LEU A 63 3.89 -3.90 -24.30
CA LEU A 63 4.94 -2.93 -24.63
C LEU A 63 5.71 -2.53 -23.39
N THR A 64 6.98 -2.20 -23.58
CA THR A 64 7.85 -1.76 -22.50
C THR A 64 7.63 -0.26 -22.31
N ARG A 65 8.17 0.28 -21.23
CA ARG A 65 8.10 1.71 -21.00
C ARG A 65 8.72 2.49 -22.16
N GLU A 66 9.88 2.03 -22.62
CA GLU A 66 10.55 2.65 -23.77
C GLU A 66 9.72 2.51 -25.04
N GLU A 67 9.13 1.33 -25.23
CA GLU A 67 8.25 1.10 -26.37
C GLU A 67 6.98 1.97 -26.35
N ILE A 68 6.41 2.17 -25.16
CA ILE A 68 5.25 3.05 -25.03
C ILE A 68 5.63 4.47 -25.44
N VAL A 69 6.76 4.93 -24.92
CA VAL A 69 7.27 6.27 -25.21
C VAL A 69 7.48 6.46 -26.73
N GLU A 70 8.15 5.50 -27.35
CA GLU A 70 8.43 5.54 -28.79
C GLU A 70 7.16 5.47 -29.65
N LEU A 71 6.19 4.66 -29.21
CA LEU A 71 4.93 4.55 -29.96
C LEU A 71 4.20 5.89 -29.99
N MET A 72 4.12 6.52 -28.82
CA MET A 72 3.46 7.82 -28.73
C MET A 72 4.23 8.91 -29.47
N ARG A 73 5.56 8.85 -29.41
CA ARG A 73 6.35 9.84 -30.11
C ARG A 73 6.09 9.77 -31.60
N ASP A 74 6.17 8.55 -32.17
CA ASP A 74 5.89 8.31 -33.59
C ASP A 74 4.48 8.77 -33.95
N VAL A 75 3.49 8.30 -33.20
CA VAL A 75 2.10 8.66 -33.41
C VAL A 75 1.88 10.18 -33.33
N SER A 76 2.56 10.84 -32.41
CA SER A 76 2.45 12.29 -32.31
C SER A 76 3.06 13.02 -33.51
N LYS A 77 3.94 12.34 -34.24
CA LYS A 77 4.66 12.94 -35.36
C LYS A 77 4.00 12.66 -36.71
N GLU A 78 2.98 11.79 -36.74
CA GLU A 78 2.18 11.59 -37.94
C GLU A 78 1.44 12.88 -38.27
N ASP A 79 0.97 12.98 -39.51
CA ASP A 79 0.21 14.14 -39.96
C ASP A 79 -1.26 13.83 -39.77
N HIS A 80 -1.86 14.52 -38.79
CA HIS A 80 -3.27 14.31 -38.38
C HIS A 80 -4.26 15.30 -39.01
N SER A 81 -3.82 16.08 -39.99
CA SER A 81 -4.61 17.12 -40.64
C SER A 81 -6.01 16.73 -41.13
N LYS A 82 -6.16 15.48 -41.57
CA LYS A 82 -7.42 14.98 -42.12
C LYS A 82 -8.24 14.22 -41.08
N ARG A 83 -7.75 14.22 -39.85
CA ARG A 83 -8.44 13.51 -38.76
C ARG A 83 -9.09 14.48 -37.79
N SER A 84 -10.31 14.14 -37.37
CA SER A 84 -11.10 14.94 -36.43
C SER A 84 -10.57 14.95 -34.99
N SER A 85 -10.06 13.80 -34.54
CA SER A 85 -9.70 13.62 -33.13
C SER A 85 -8.56 12.63 -32.90
N PHE A 86 -8.20 12.44 -31.64
CA PHE A 86 -7.24 11.40 -31.30
C PHE A 86 -7.67 10.68 -30.03
N VAL A 87 -7.57 9.36 -30.04
CA VAL A 87 -7.87 8.53 -28.87
C VAL A 87 -6.72 7.59 -28.55
N CYS A 88 -6.28 7.60 -27.28
CA CYS A 88 -5.35 6.60 -26.78
C CYS A 88 -5.93 5.96 -25.53
N VAL A 89 -5.94 4.64 -25.51
CA VAL A 89 -6.46 3.87 -24.40
C VAL A 89 -5.32 3.07 -23.77
N LEU A 90 -5.15 3.22 -22.47
CA LEU A 90 -4.10 2.52 -21.74
C LEU A 90 -4.68 1.46 -20.80
N LEU A 91 -4.22 0.23 -20.96
CA LEU A 91 -4.68 -0.91 -20.16
C LEU A 91 -3.48 -1.49 -19.46
N SER A 92 -3.31 -1.18 -18.19
CA SER A 92 -2.12 -1.62 -17.47
C SER A 92 -2.23 -1.46 -15.96
N HIS A 93 -1.16 -1.83 -15.22
CA HIS A 93 -1.05 -1.48 -13.80
C HIS A 93 -0.76 0.00 -13.77
N GLY A 94 -1.06 0.65 -12.65
CA GLY A 94 -0.73 2.05 -12.50
C GLY A 94 -0.45 2.50 -11.07
N GLU A 95 -0.15 3.78 -10.96
CA GLU A 95 0.07 4.51 -9.72
C GLU A 95 -0.42 5.92 -10.03
N GLU A 96 -0.64 6.73 -9.00
CA GLU A 96 -1.06 8.11 -9.25
C GLU A 96 -0.16 8.74 -10.31
N GLY A 97 -0.77 9.23 -11.38
CA GLY A 97 -0.05 9.88 -12.45
C GLY A 97 0.84 9.02 -13.32
N ILE A 98 0.86 7.70 -13.12
CA ILE A 98 1.72 6.83 -13.92
C ILE A 98 1.04 5.55 -14.42
N ILE A 99 1.50 5.08 -15.59
CA ILE A 99 1.13 3.76 -16.12
C ILE A 99 2.37 2.87 -16.30
N PHE A 100 2.17 1.56 -16.20
CA PHE A 100 3.27 0.61 -16.27
C PHE A 100 3.49 -0.03 -17.64
N GLY A 101 4.70 0.16 -18.16
CA GLY A 101 5.22 -0.72 -19.20
C GLY A 101 5.46 -2.10 -18.58
N THR A 102 5.76 -3.09 -19.42
CA THR A 102 6.03 -4.45 -18.95
C THR A 102 7.26 -4.52 -18.04
N ASN A 103 8.13 -3.53 -18.15
CA ASN A 103 9.40 -3.52 -17.44
C ASN A 103 9.64 -2.31 -16.56
N GLY A 104 8.62 -1.48 -16.37
CA GLY A 104 8.75 -0.31 -15.51
C GLY A 104 7.79 0.82 -15.79
N PRO A 105 7.75 1.79 -14.89
CA PRO A 105 6.79 2.91 -14.97
C PRO A 105 7.04 3.91 -16.10
N VAL A 106 5.98 4.59 -16.50
CA VAL A 106 6.06 5.77 -17.36
C VAL A 106 5.11 6.82 -16.76
N ASP A 107 5.60 8.05 -16.56
CA ASP A 107 4.73 9.16 -16.17
C ASP A 107 3.76 9.42 -17.29
N LEU A 108 2.47 9.46 -16.99
CA LEU A 108 1.42 9.77 -17.97
C LEU A 108 1.65 11.10 -18.70
N LYS A 109 2.12 12.10 -17.95
CA LYS A 109 2.41 13.41 -18.50
C LYS A 109 3.43 13.32 -19.64
N LYS A 110 4.40 12.42 -19.51
CA LYS A 110 5.41 12.24 -20.54
C LYS A 110 4.79 11.86 -21.88
N ILE A 111 3.87 10.91 -21.86
CA ILE A 111 3.26 10.47 -23.11
C ILE A 111 2.19 11.41 -23.69
N THR A 112 1.50 12.18 -22.84
CA THR A 112 0.50 13.12 -23.34
C THR A 112 1.10 14.47 -23.73
N ASN A 113 2.25 14.81 -23.13
CA ASN A 113 3.03 15.95 -23.60
C ASN A 113 3.36 15.88 -25.11
N PHE A 114 3.53 14.67 -25.66
CA PHE A 114 3.75 14.50 -27.09
C PHE A 114 2.65 15.16 -27.92
N PHE A 115 1.45 15.25 -27.35
CA PHE A 115 0.29 15.72 -28.09
C PHE A 115 -0.13 17.15 -27.75
N ARG A 116 0.57 17.78 -26.80
CA ARG A 116 0.34 19.17 -26.45
C ARG A 116 0.20 20.07 -27.68
N GLY A 117 -0.73 21.02 -27.63
CA GLY A 117 -1.04 21.88 -28.77
C GLY A 117 0.14 22.38 -29.60
N ASP A 118 1.30 22.55 -28.97
CA ASP A 118 2.49 23.07 -29.64
C ASP A 118 3.44 22.01 -30.18
N ARG A 119 3.24 20.76 -29.77
CA ARG A 119 4.16 19.67 -30.12
C ARG A 119 3.59 18.74 -31.18
N CYS A 120 2.28 18.83 -31.39
CA CYS A 120 1.61 18.05 -32.43
C CYS A 120 0.61 18.99 -33.07
N ARG A 121 1.10 19.73 -34.07
CA ARG A 121 0.38 20.86 -34.61
C ARG A 121 -0.87 20.49 -35.40
N SER A 122 -0.84 19.35 -36.08
CA SER A 122 -1.99 18.85 -36.82
C SER A 122 -3.17 18.38 -35.94
N LEU A 123 -3.00 18.44 -34.62
CA LEU A 123 -4.13 18.18 -33.70
C LEU A 123 -4.55 19.38 -32.87
N THR A 124 -3.87 20.51 -33.05
CA THR A 124 -4.22 21.74 -32.38
C THR A 124 -5.70 22.03 -32.60
N GLY A 125 -6.42 22.25 -31.51
CA GLY A 125 -7.83 22.57 -31.57
C GLY A 125 -8.74 21.36 -31.77
N LYS A 126 -8.16 20.16 -31.74
CA LYS A 126 -8.93 18.92 -31.86
C LYS A 126 -8.89 18.11 -30.57
N PRO A 127 -9.99 17.40 -30.27
CA PRO A 127 -10.10 16.66 -29.01
C PRO A 127 -9.09 15.53 -28.96
N LYS A 128 -8.35 15.48 -27.85
CA LYS A 128 -7.32 14.48 -27.58
C LYS A 128 -7.80 13.72 -26.34
N LEU A 129 -8.22 12.46 -26.53
CA LEU A 129 -8.86 11.68 -25.46
C LEU A 129 -7.97 10.58 -24.92
N PHE A 130 -7.78 10.59 -23.61
CA PHE A 130 -6.99 9.57 -22.95
C PHE A 130 -7.87 8.82 -21.96
N ILE A 131 -8.10 7.55 -22.25
CA ILE A 131 -8.91 6.65 -21.45
C ILE A 131 -7.95 5.74 -20.71
N ILE A 132 -8.00 5.76 -19.38
CA ILE A 132 -6.97 5.12 -18.57
C ILE A 132 -7.49 4.05 -17.60
N GLN A 133 -7.41 2.79 -18.00
CA GLN A 133 -7.72 1.69 -17.09
C GLN A 133 -6.47 1.23 -16.37
N ALA A 134 -6.28 1.75 -15.16
CA ALA A 134 -5.11 1.45 -14.34
C ALA A 134 -5.30 2.05 -12.94
N OCS A 135 -4.59 1.50 -11.96
CA OCS A 135 -4.68 1.95 -10.59
CB OCS A 135 -3.89 0.99 -9.67
SG OCS A 135 -4.29 -0.62 -9.93
C OCS A 135 -4.11 3.34 -10.46
O OCS A 135 -3.27 3.77 -11.25
OD1 OCS A 135 -3.74 -1.48 -8.89
OD2 OCS A 135 -5.75 -0.73 -9.75
OD3 OCS A 135 -3.69 -1.23 -11.18
N ARG A 136 -4.59 4.05 -9.44
CA ARG A 136 -4.11 5.39 -9.14
C ARG A 136 -3.64 5.45 -7.67
N GLY A 137 -3.26 4.30 -7.15
CA GLY A 137 -3.06 4.13 -5.71
C GLY A 137 -3.69 2.82 -5.26
N THR A 138 -3.65 2.57 -3.95
CA THR A 138 -4.06 1.29 -3.34
C THR A 138 -5.34 1.38 -2.51
N GLU A 139 -5.94 2.56 -2.47
CA GLU A 139 -7.13 2.75 -1.64
C GLU A 139 -8.36 2.07 -2.18
N LEU A 140 -9.20 1.62 -1.24
CA LEU A 140 -10.47 0.96 -1.54
C LEU A 140 -11.61 1.82 -1.07
N ASP A 141 -12.66 1.83 -1.86
CA ASP A 141 -13.84 2.58 -1.49
C ASP A 141 -14.90 1.67 -0.86
N CYS A 142 -15.15 1.89 0.43
CA CYS A 142 -16.07 1.10 1.24
C CYS A 142 -17.53 1.31 0.86
N GLY A 143 -17.84 2.48 0.31
CA GLY A 143 -19.20 2.79 -0.10
C GLY A 143 -20.07 3.24 1.06
N ILE A 144 -21.35 3.45 0.75
CA ILE A 144 -22.32 3.98 1.71
C ILE A 144 -23.75 3.57 1.31
N GLU A 145 -24.61 3.33 2.29
CA GLU A 145 -25.99 2.86 2.08
C GLU A 145 -26.87 3.85 1.32
N THR A 146 -27.77 3.30 0.49
CA THR A 146 -28.69 4.06 -0.37
C THR A 146 -27.98 4.74 -1.52
N LYS A 158 -5.05 32.64 -30.26
CA LYS A 158 -4.12 31.87 -29.43
C LYS A 158 -4.88 31.03 -28.40
N ILE A 159 -4.53 29.75 -28.32
CA ILE A 159 -5.12 28.84 -27.33
C ILE A 159 -4.05 28.23 -26.45
N PRO A 160 -4.42 27.80 -25.23
CA PRO A 160 -3.48 27.15 -24.30
C PRO A 160 -3.01 25.81 -24.84
N VAL A 161 -1.74 25.46 -24.61
CA VAL A 161 -1.22 24.18 -25.13
C VAL A 161 -1.88 22.99 -24.42
N ASP A 162 -2.36 23.21 -23.20
CA ASP A 162 -2.97 22.12 -22.43
C ASP A 162 -4.47 21.97 -22.68
N ALA A 163 -5.03 22.71 -23.63
CA ALA A 163 -6.46 22.65 -23.94
C ALA A 163 -6.82 21.52 -24.91
N ASP A 164 -8.11 21.15 -24.92
CA ASP A 164 -8.62 20.10 -25.83
C ASP A 164 -8.13 18.70 -25.48
N PHE A 165 -7.71 18.51 -24.24
CA PHE A 165 -7.47 17.18 -23.71
C PHE A 165 -8.67 16.74 -22.86
N LEU A 166 -8.92 15.43 -22.86
CA LEU A 166 -9.83 14.82 -21.91
C LEU A 166 -9.20 13.53 -21.39
N TYR A 167 -9.29 13.33 -20.07
CA TYR A 167 -8.79 12.12 -19.46
C TYR A 167 -9.93 11.43 -18.77
N ALA A 168 -10.29 10.27 -19.29
CA ALA A 168 -11.32 9.43 -18.71
C ALA A 168 -10.59 8.37 -17.92
N TYR A 169 -10.56 8.56 -16.60
CA TYR A 169 -9.90 7.63 -15.70
C TYR A 169 -10.90 6.64 -15.15
N SER A 170 -10.46 5.39 -14.99
CA SER A 170 -11.26 4.34 -14.39
C SER A 170 -11.59 4.57 -12.91
N THR A 171 -10.73 5.30 -12.20
CA THR A 171 -10.94 5.61 -10.77
C THR A 171 -10.52 7.00 -10.37
N ALA A 172 -10.92 7.36 -9.15
CA ALA A 172 -10.56 8.61 -8.52
C ALA A 172 -9.09 8.59 -8.09
N PRO A 173 -8.50 9.77 -7.94
CA PRO A 173 -7.12 9.86 -7.45
C PRO A 173 -6.96 9.07 -6.16
N GLY A 174 -5.83 8.38 -6.02
CA GLY A 174 -5.54 7.59 -4.84
C GLY A 174 -6.11 6.19 -4.84
N TYR A 175 -7.06 5.89 -5.72
CA TYR A 175 -7.81 4.61 -5.65
C TYR A 175 -7.38 3.47 -6.57
N TYR A 176 -7.50 2.25 -6.04
CA TYR A 176 -7.39 1.00 -6.77
C TYR A 176 -8.46 0.90 -7.88
N SER A 177 -8.19 0.09 -8.91
CA SER A 177 -9.11 -0.05 -10.05
C SER A 177 -9.47 -1.51 -10.29
N TRP A 178 -10.76 -1.82 -10.26
CA TRP A 178 -11.27 -3.19 -10.20
C TRP A 178 -11.52 -3.78 -11.57
N ARG A 179 -11.16 -5.04 -11.71
CA ARG A 179 -11.38 -5.74 -12.97
C ARG A 179 -11.94 -7.12 -12.65
N ASN A 180 -12.71 -7.65 -13.59
CA ASN A 180 -13.17 -9.04 -13.54
C ASN A 180 -12.49 -9.79 -14.69
N SER A 181 -11.71 -10.82 -14.35
CA SER A 181 -10.91 -11.59 -15.32
C SER A 181 -11.71 -12.12 -16.52
N LYS A 182 -12.98 -12.45 -16.29
CA LYS A 182 -13.85 -12.96 -17.33
C LYS A 182 -14.62 -11.85 -18.04
N ASP A 183 -15.24 -10.96 -17.28
CA ASP A 183 -16.17 -9.99 -17.87
C ASP A 183 -15.50 -8.74 -18.42
N GLY A 184 -14.28 -8.47 -17.98
CA GLY A 184 -13.63 -7.21 -18.30
C GLY A 184 -13.58 -6.29 -17.09
N SER A 185 -12.71 -5.28 -17.11
CA SER A 185 -12.67 -4.29 -16.05
C SER A 185 -14.03 -3.59 -15.91
N TRP A 186 -14.35 -3.15 -14.69
CA TRP A 186 -15.61 -2.43 -14.46
C TRP A 186 -15.78 -1.21 -15.36
N PHE A 187 -14.70 -0.45 -15.48
CA PHE A 187 -14.74 0.78 -16.25
C PHE A 187 -14.93 0.57 -17.77
N ILE A 188 -14.11 -0.29 -18.38
CA ILE A 188 -14.13 -0.44 -19.84
C ILE A 188 -15.38 -1.14 -20.36
N GLN A 189 -15.81 -2.14 -19.63
CA GLN A 189 -17.06 -2.83 -19.91
C GLN A 189 -18.22 -1.84 -19.90
N SER A 190 -18.21 -0.90 -18.95
CA SER A 190 -19.23 0.13 -18.87
C SER A 190 -19.05 1.20 -19.93
N LEU A 191 -17.79 1.58 -20.20
CA LEU A 191 -17.52 2.59 -21.22
C LEU A 191 -18.04 2.10 -22.56
N CYS A 192 -17.65 0.88 -22.94
CA CYS A 192 -18.05 0.35 -24.24
C CYS A 192 -19.56 0.23 -24.35
N ALA A 193 -20.19 -0.34 -23.32
CA ALA A 193 -21.65 -0.49 -23.30
C ALA A 193 -22.35 0.87 -23.47
N MET A 194 -21.77 1.90 -22.87
CA MET A 194 -22.38 3.21 -22.96
C MET A 194 -22.11 3.93 -24.28
N LEU A 195 -20.92 3.74 -24.85
CA LEU A 195 -20.63 4.28 -26.18
C LEU A 195 -21.47 3.58 -27.24
N LYS A 196 -21.62 2.26 -27.10
CA LYS A 196 -22.46 1.48 -27.98
C LYS A 196 -23.90 1.99 -27.97
N GLN A 197 -24.46 2.23 -26.78
CA GLN A 197 -25.87 2.62 -26.68
C GLN A 197 -26.15 4.10 -26.98
N TYR A 198 -25.19 4.99 -26.70
CA TYR A 198 -25.48 6.42 -26.70
C TYR A 198 -24.59 7.29 -27.59
N ALA A 199 -23.59 6.70 -28.24
CA ALA A 199 -22.67 7.51 -29.03
C ALA A 199 -23.35 8.18 -30.22
N ASP A 200 -24.59 7.78 -30.51
CA ASP A 200 -25.38 8.38 -31.58
C ASP A 200 -26.39 9.42 -31.06
N LYS A 201 -26.51 9.54 -29.72
CA LYS A 201 -27.54 10.41 -29.13
C LYS A 201 -26.97 11.48 -28.21
N LEU A 202 -26.02 11.11 -27.36
CA LEU A 202 -25.53 12.04 -26.35
C LEU A 202 -24.12 12.61 -26.59
N GLU A 203 -23.91 13.81 -26.10
CA GLU A 203 -22.57 14.40 -26.04
C GLU A 203 -21.67 13.54 -25.11
N PHE A 204 -20.39 13.47 -25.43
CA PHE A 204 -19.43 12.61 -24.73
C PHE A 204 -19.42 12.71 -23.21
N MET A 205 -19.36 13.93 -22.68
CA MET A 205 -19.44 14.18 -21.23
C MET A 205 -20.66 13.54 -20.57
N HIS A 206 -21.78 13.59 -21.26
CA HIS A 206 -23.00 12.91 -20.79
C HIS A 206 -22.90 11.38 -20.93
N ILE A 207 -22.23 10.87 -21.99
CA ILE A 207 -21.92 9.43 -22.06
C ILE A 207 -21.10 9.05 -20.83
N LEU A 208 -20.02 9.80 -20.59
CA LEU A 208 -19.11 9.49 -19.49
C LEU A 208 -19.79 9.55 -18.12
N THR A 209 -20.80 10.42 -17.99
CA THR A 209 -21.58 10.53 -16.77
C THR A 209 -22.46 9.29 -16.62
N ARG A 210 -22.97 8.78 -17.74
CA ARG A 210 -23.69 7.50 -17.69
C ARG A 210 -22.73 6.40 -17.26
N VAL A 211 -21.48 6.49 -17.72
CA VAL A 211 -20.45 5.52 -17.32
C VAL A 211 -20.25 5.53 -15.80
N ASN A 212 -20.10 6.73 -15.20
CA ASN A 212 -19.94 6.84 -13.74
C ASN A 212 -21.09 6.16 -12.98
N ARG A 213 -22.31 6.42 -13.41
CA ARG A 213 -23.50 5.90 -12.75
C ARG A 213 -23.49 4.38 -12.81
N LYS A 214 -23.21 3.87 -14.00
CA LYS A 214 -23.23 2.43 -14.22
C LYS A 214 -22.14 1.77 -13.35
N VAL A 215 -20.92 2.30 -13.38
CA VAL A 215 -19.87 1.76 -12.51
C VAL A 215 -20.23 1.94 -11.03
N ALA A 216 -20.83 3.08 -10.67
CA ALA A 216 -21.12 3.35 -9.27
C ALA A 216 -22.21 2.46 -8.65
N THR A 217 -23.22 2.09 -9.44
CA THR A 217 -24.40 1.43 -8.88
C THR A 217 -24.46 -0.07 -9.17
N GLU A 218 -23.85 -0.48 -10.29
CA GLU A 218 -24.00 -1.86 -10.75
C GLU A 218 -22.89 -2.80 -10.30
N PHE A 219 -21.78 -2.25 -9.83
CA PHE A 219 -20.63 -3.07 -9.48
C PHE A 219 -20.36 -2.99 -7.99
N GLU A 220 -19.82 -4.07 -7.46
CA GLU A 220 -19.47 -4.17 -6.05
C GLU A 220 -18.60 -5.39 -5.97
N SER A 221 -17.43 -5.27 -5.34
CA SER A 221 -16.50 -6.40 -5.25
C SER A 221 -17.02 -7.55 -4.35
N PHE A 222 -16.52 -8.74 -4.63
CA PHE A 222 -16.76 -9.92 -3.81
C PHE A 222 -15.43 -10.58 -3.41
N SER A 223 -15.31 -10.88 -2.13
CA SER A 223 -14.12 -11.53 -1.61
C SER A 223 -14.50 -12.44 -0.46
N PHE A 224 -13.75 -13.52 -0.29
CA PHE A 224 -13.96 -14.38 0.87
C PHE A 224 -13.37 -13.72 2.11
N ASP A 225 -12.43 -12.80 1.88
CA ASP A 225 -11.80 -12.01 2.93
C ASP A 225 -12.40 -10.60 3.02
N ALA A 226 -12.88 -10.22 4.20
CA ALA A 226 -13.56 -8.93 4.41
C ALA A 226 -12.78 -7.72 3.88
N THR A 227 -11.45 -7.76 3.97
CA THR A 227 -10.60 -6.65 3.52
C THR A 227 -10.97 -6.17 2.12
N PHE A 228 -11.36 -7.11 1.26
CA PHE A 228 -11.55 -6.81 -0.16
C PHE A 228 -13.00 -6.94 -0.57
N HIS A 229 -13.88 -7.10 0.41
CA HIS A 229 -15.29 -7.39 0.13
C HIS A 229 -16.23 -6.19 0.06
N ALA A 230 -17.17 -6.23 -0.89
CA ALA A 230 -18.21 -5.21 -1.02
C ALA A 230 -17.65 -3.80 -1.27
N LYS A 231 -16.48 -3.74 -1.92
CA LYS A 231 -15.87 -2.46 -2.26
C LYS A 231 -16.49 -1.83 -3.51
N LYS A 232 -16.36 -0.52 -3.65
CA LYS A 232 -17.03 0.21 -4.71
C LYS A 232 -16.04 1.04 -5.54
N GLN A 233 -16.51 1.59 -6.65
CA GLN A 233 -15.65 2.36 -7.54
C GLN A 233 -16.45 3.42 -8.28
N ILE A 234 -15.91 4.63 -8.30
CA ILE A 234 -16.38 5.68 -9.18
C ILE A 234 -15.25 6.09 -10.14
N PRO A 235 -15.53 6.18 -11.44
CA PRO A 235 -14.54 6.70 -12.39
C PRO A 235 -14.38 8.21 -12.25
N CYS A 236 -13.42 8.82 -12.95
CA CYS A 236 -13.10 10.23 -12.76
C CYS A 236 -12.89 10.92 -14.12
N ILE A 237 -13.83 11.80 -14.52
CA ILE A 237 -13.77 12.53 -15.79
C ILE A 237 -12.92 13.79 -15.62
N VAL A 238 -11.84 13.91 -16.40
CA VAL A 238 -10.98 15.12 -16.34
C VAL A 238 -10.96 15.83 -17.68
N SER A 239 -11.77 16.90 -17.77
CA SER A 239 -11.99 17.61 -19.03
C SER A 239 -11.40 19.00 -19.12
N MET A 240 -10.67 19.19 -20.22
CA MET A 240 -10.08 20.47 -20.56
C MET A 240 -10.49 20.77 -21.99
N LEU A 241 -11.60 20.15 -22.38
CA LEU A 241 -12.19 20.38 -23.68
C LEU A 241 -12.85 21.74 -23.67
N THR A 242 -12.90 22.39 -24.82
CA THR A 242 -13.48 23.72 -24.95
C THR A 242 -14.78 23.67 -25.72
N LYS A 243 -15.16 22.48 -26.19
CA LYS A 243 -16.38 22.30 -26.99
C LYS A 243 -17.05 20.98 -26.65
N GLU A 244 -18.32 20.87 -27.05
CA GLU A 244 -19.06 19.62 -26.98
C GLU A 244 -18.58 18.62 -28.04
N LEU A 245 -18.59 17.34 -27.65
CA LEU A 245 -18.11 16.25 -28.51
C LEU A 245 -19.21 15.22 -28.81
N TYR A 246 -19.64 15.18 -30.06
CA TYR A 246 -20.62 14.24 -30.59
C TYR A 246 -19.89 13.40 -31.62
N PHE A 247 -20.11 12.10 -31.60
CA PHE A 247 -19.41 11.24 -32.52
C PHE A 247 -20.08 11.15 -33.92
N TYR A 248 -21.16 11.90 -34.10
CA TYR A 248 -21.90 11.92 -35.37
C TYR A 248 -21.90 13.28 -36.10
N HIS A 249 -22.69 13.37 -37.17
CA HIS A 249 -22.87 14.58 -37.99
C HIS A 249 -21.58 15.25 -38.45
N ASP B 6 -34.44 8.57 -14.77
CA ASP B 6 -33.76 9.50 -13.83
C ASP B 6 -32.27 9.62 -14.13
N ASN B 7 -31.95 10.41 -15.16
CA ASN B 7 -30.58 10.66 -15.55
C ASN B 7 -30.05 11.98 -15.00
N SER B 8 -30.84 12.63 -14.16
CA SER B 8 -30.45 13.89 -13.56
C SER B 8 -30.82 14.01 -12.08
N TYR B 9 -29.98 14.73 -11.34
CA TYR B 9 -30.22 14.96 -9.92
C TYR B 9 -31.55 15.67 -9.71
N LYS B 10 -32.24 15.26 -8.64
CA LYS B 10 -33.41 15.94 -8.13
C LYS B 10 -33.02 17.32 -7.61
N MET B 11 -33.44 18.36 -8.31
CA MET B 11 -33.10 19.73 -7.89
C MET B 11 -34.29 20.49 -7.32
N ASP B 12 -35.40 19.80 -7.10
CA ASP B 12 -36.60 20.45 -6.58
C ASP B 12 -36.90 20.13 -5.10
N TYR B 13 -35.85 19.96 -4.31
CA TYR B 13 -35.94 20.00 -2.85
C TYR B 13 -36.34 21.42 -2.46
N PRO B 14 -36.92 21.61 -1.27
CA PRO B 14 -37.29 22.96 -0.82
C PRO B 14 -36.17 23.99 -1.02
N GLU B 15 -34.92 23.60 -0.77
CA GLU B 15 -33.78 24.50 -0.97
C GLU B 15 -32.76 23.95 -1.97
N MET B 16 -32.19 24.86 -2.77
CA MET B 16 -31.08 24.53 -3.64
C MET B 16 -29.88 24.03 -2.81
N GLY B 17 -29.59 24.78 -1.75
CA GLY B 17 -28.57 24.40 -0.80
C GLY B 17 -27.66 25.58 -0.48
N LEU B 18 -26.66 25.33 0.36
CA LEU B 18 -25.70 26.33 0.71
C LEU B 18 -24.68 26.54 -0.39
N CYS B 19 -24.11 27.75 -0.42
CA CYS B 19 -22.96 28.06 -1.23
C CYS B 19 -21.99 28.81 -0.35
N ILE B 20 -21.03 28.10 0.24
CA ILE B 20 -20.01 28.69 1.11
C ILE B 20 -18.90 29.25 0.25
N ILE B 21 -18.61 30.55 0.39
CA ILE B 21 -17.50 31.22 -0.32
C ILE B 21 -16.36 31.62 0.61
N ILE B 22 -15.20 31.00 0.44
CA ILE B 22 -14.05 31.36 1.26
C ILE B 22 -13.15 32.25 0.45
N ASN B 23 -13.04 33.50 0.90
CA ASN B 23 -12.36 34.54 0.16
C ASN B 23 -11.11 35.04 0.88
N ASN B 24 -9.94 34.49 0.53
CA ASN B 24 -8.69 34.85 1.20
C ASN B 24 -7.85 35.89 0.46
N LYS B 25 -7.76 37.08 1.06
CA LYS B 25 -7.10 38.23 0.45
C LYS B 25 -5.73 38.53 1.07
N ASN B 26 -5.68 38.52 2.40
CA ASN B 26 -4.51 38.94 3.16
C ASN B 26 -3.91 37.83 3.99
N PHE B 27 -2.60 37.65 3.87
CA PHE B 27 -1.91 36.53 4.51
C PHE B 27 -0.86 36.99 5.51
N HIS B 28 -0.78 36.29 6.64
CA HIS B 28 0.19 36.57 7.71
C HIS B 28 1.60 36.81 7.14
N LYS B 29 2.36 37.66 7.81
CA LYS B 29 3.71 38.03 7.36
C LYS B 29 4.68 36.83 7.32
N SER B 30 4.49 35.88 8.22
CA SER B 30 5.34 34.69 8.32
C SER B 30 5.31 33.78 7.07
N THR B 31 4.26 33.90 6.26
CA THR B 31 4.16 33.09 5.05
C THR B 31 4.99 33.72 3.93
N GLY B 32 4.88 35.05 3.83
CA GLY B 32 5.51 35.79 2.74
C GLY B 32 4.69 35.66 1.48
N MET B 33 3.38 35.49 1.66
CA MET B 33 2.44 35.44 0.54
C MET B 33 1.85 36.82 0.32
N THR B 34 1.77 37.22 -0.95
CA THR B 34 1.27 38.53 -1.34
C THR B 34 -0.24 38.61 -1.14
N SER B 35 -0.76 39.83 -1.15
CA SER B 35 -2.20 40.05 -1.06
C SER B 35 -2.82 39.75 -2.42
N ARG B 36 -4.02 39.21 -2.40
CA ARG B 36 -4.66 38.75 -3.63
C ARG B 36 -5.59 39.82 -4.18
N SER B 37 -4.99 40.80 -4.86
CA SER B 37 -5.74 41.94 -5.40
C SER B 37 -6.75 41.47 -6.45
N GLY B 38 -7.97 42.00 -6.36
CA GLY B 38 -9.04 41.65 -7.28
C GLY B 38 -9.93 40.51 -6.83
N THR B 39 -9.66 39.96 -5.65
CA THR B 39 -10.43 38.80 -5.19
C THR B 39 -11.84 39.16 -4.70
N ASP B 40 -12.01 40.37 -4.21
CA ASP B 40 -13.31 40.81 -3.72
C ASP B 40 -14.32 40.96 -4.86
N VAL B 41 -13.82 41.28 -6.05
CA VAL B 41 -14.62 41.28 -7.27
C VAL B 41 -15.19 39.88 -7.48
N ASP B 42 -14.31 38.88 -7.53
CA ASP B 42 -14.75 37.48 -7.60
C ASP B 42 -15.82 37.16 -6.55
N ALA B 43 -15.51 37.44 -5.29
CA ALA B 43 -16.39 37.09 -4.19
C ALA B 43 -17.78 37.74 -4.32
N ALA B 44 -17.81 38.98 -4.81
CA ALA B 44 -19.06 39.70 -5.01
C ALA B 44 -19.84 39.13 -6.21
N ASN B 45 -19.12 38.87 -7.29
CA ASN B 45 -19.71 38.23 -8.46
C ASN B 45 -20.35 36.89 -8.12
N LEU B 46 -19.60 36.06 -7.40
CA LEU B 46 -20.09 34.75 -6.96
C LEU B 46 -21.35 34.87 -6.11
N ARG B 47 -21.33 35.78 -5.14
CA ARG B 47 -22.45 35.99 -4.22
C ARG B 47 -23.72 36.32 -4.99
N GLU B 48 -23.62 37.25 -5.94
CA GLU B 48 -24.79 37.63 -6.72
C GLU B 48 -25.25 36.51 -7.64
N THR B 49 -24.31 35.90 -8.36
CA THR B 49 -24.62 34.75 -9.22
C THR B 49 -25.35 33.64 -8.44
N PHE B 50 -24.81 33.22 -7.30
CA PHE B 50 -25.39 32.09 -6.63
C PHE B 50 -26.69 32.39 -5.90
N ARG B 51 -26.89 33.65 -5.49
CA ARG B 51 -28.17 34.10 -4.95
C ARG B 51 -29.22 34.01 -6.05
N ASN B 52 -28.88 34.51 -7.24
CA ASN B 52 -29.75 34.37 -8.39
C ASN B 52 -30.14 32.91 -8.66
N LEU B 53 -29.19 31.99 -8.46
CA LEU B 53 -29.46 30.56 -8.57
C LEU B 53 -30.23 29.98 -7.39
N LYS B 54 -30.51 30.84 -6.41
CA LYS B 54 -31.31 30.48 -5.24
C LYS B 54 -30.55 29.65 -4.20
N TYR B 55 -29.23 29.79 -4.18
CA TYR B 55 -28.38 29.20 -3.13
C TYR B 55 -28.24 30.12 -1.90
N GLU B 56 -28.09 29.51 -0.72
CA GLU B 56 -27.86 30.26 0.51
C GLU B 56 -26.38 30.57 0.67
N VAL B 57 -26.01 31.77 0.24
CA VAL B 57 -24.61 32.18 0.26
C VAL B 57 -24.18 32.61 1.67
N ARG B 58 -22.97 32.20 2.05
CA ARG B 58 -22.32 32.64 3.27
C ARG B 58 -20.89 32.98 2.91
N ASN B 59 -20.53 34.25 2.98
CA ASN B 59 -19.17 34.70 2.69
C ASN B 59 -18.34 34.77 3.95
N LYS B 60 -17.10 34.30 3.84
CA LYS B 60 -16.15 34.31 4.94
C LYS B 60 -14.85 34.84 4.38
N ASN B 61 -14.24 35.78 5.10
CA ASN B 61 -13.04 36.45 4.62
C ASN B 61 -11.80 36.14 5.45
N ASP B 62 -10.68 35.95 4.76
CA ASP B 62 -9.36 35.82 5.38
C ASP B 62 -9.28 34.80 6.51
N LEU B 63 -9.71 33.56 6.25
CA LEU B 63 -9.69 32.52 7.27
C LEU B 63 -8.33 31.85 7.41
N THR B 64 -7.98 31.44 8.62
CA THR B 64 -6.76 30.67 8.87
C THR B 64 -6.98 29.21 8.49
N ARG B 65 -5.89 28.44 8.42
CA ARG B 65 -6.00 27.01 8.11
C ARG B 65 -6.97 26.29 9.06
N GLU B 66 -6.89 26.62 10.35
CA GLU B 66 -7.77 26.06 11.38
C GLU B 66 -9.22 26.48 11.17
N GLU B 67 -9.43 27.74 10.81
CA GLU B 67 -10.77 28.29 10.61
C GLU B 67 -11.47 27.64 9.43
N ILE B 68 -10.76 27.50 8.31
CA ILE B 68 -11.23 26.73 7.14
C ILE B 68 -11.76 25.37 7.56
N VAL B 69 -10.89 24.60 8.22
CA VAL B 69 -11.23 23.26 8.69
C VAL B 69 -12.50 23.29 9.55
N GLU B 70 -12.51 24.20 10.52
CA GLU B 70 -13.66 24.40 11.40
C GLU B 70 -14.95 24.68 10.62
N LEU B 71 -14.89 25.66 9.73
CA LEU B 71 -16.05 26.00 8.91
C LEU B 71 -16.56 24.75 8.17
N MET B 72 -15.66 24.04 7.49
CA MET B 72 -16.03 22.86 6.73
C MET B 72 -16.61 21.77 7.65
N ARG B 73 -15.98 21.56 8.79
CA ARG B 73 -16.50 20.63 9.79
C ARG B 73 -17.93 21.01 10.24
N ASP B 74 -18.14 22.27 10.62
CA ASP B 74 -19.45 22.75 11.07
C ASP B 74 -20.53 22.51 10.01
N VAL B 75 -20.28 23.02 8.79
CA VAL B 75 -21.24 22.93 7.68
C VAL B 75 -21.55 21.47 7.29
N SER B 76 -20.53 20.61 7.32
CA SER B 76 -20.72 19.20 7.04
C SER B 76 -21.60 18.51 8.07
N LYS B 77 -21.68 19.09 9.28
CA LYS B 77 -22.47 18.52 10.37
C LYS B 77 -23.90 19.08 10.44
N GLU B 78 -24.19 20.07 9.59
CA GLU B 78 -25.54 20.59 9.47
C GLU B 78 -26.45 19.53 8.84
N ASP B 79 -27.76 19.78 8.85
CA ASP B 79 -28.71 18.86 8.25
C ASP B 79 -29.15 19.39 6.87
N HIS B 80 -28.75 18.66 5.82
CA HIS B 80 -28.95 19.08 4.44
C HIS B 80 -30.10 18.36 3.77
N SER B 81 -30.97 17.76 4.60
CA SER B 81 -32.13 17.01 4.12
C SER B 81 -33.00 17.78 3.15
N LYS B 82 -33.24 19.05 3.44
CA LYS B 82 -34.16 19.85 2.61
C LYS B 82 -33.44 20.59 1.48
N ARG B 83 -32.18 20.22 1.27
CA ARG B 83 -31.30 20.85 0.28
C ARG B 83 -30.98 19.95 -0.92
N SER B 84 -30.94 20.54 -2.11
CA SER B 84 -30.74 19.79 -3.33
C SER B 84 -29.29 19.42 -3.50
N SER B 85 -28.41 20.31 -3.05
CA SER B 85 -27.01 20.21 -3.36
C SER B 85 -26.18 21.00 -2.37
N PHE B 86 -24.88 21.07 -2.66
CA PHE B 86 -23.95 21.83 -1.84
C PHE B 86 -22.85 22.42 -2.70
N VAL B 87 -22.55 23.69 -2.47
CA VAL B 87 -21.51 24.38 -3.20
C VAL B 87 -20.49 24.98 -2.24
N CYS B 88 -19.21 24.83 -2.59
CA CYS B 88 -18.16 25.48 -1.85
C CYS B 88 -17.13 26.07 -2.79
N VAL B 89 -16.91 27.38 -2.69
CA VAL B 89 -15.92 28.09 -3.50
C VAL B 89 -14.72 28.51 -2.65
N LEU B 90 -13.52 28.23 -3.15
CA LEU B 90 -12.28 28.51 -2.45
C LEU B 90 -11.46 29.47 -3.30
N LEU B 91 -11.22 30.67 -2.77
CA LEU B 91 -10.45 31.71 -3.46
C LEU B 91 -9.26 32.03 -2.59
N SER B 92 -8.07 31.68 -3.07
CA SER B 92 -6.86 31.85 -2.30
C SER B 92 -5.63 31.50 -3.14
N HIS B 93 -4.46 31.53 -2.49
CA HIS B 93 -3.24 30.98 -3.07
C HIS B 93 -3.33 29.45 -2.98
N GLY B 94 -2.53 28.76 -3.77
CA GLY B 94 -2.45 27.32 -3.60
C GLY B 94 -1.33 26.63 -4.32
N GLU B 95 -1.29 25.32 -4.13
CA GLU B 95 -0.38 24.41 -4.82
C GLU B 95 -1.20 23.16 -5.16
N GLU B 96 -0.63 22.27 -5.98
CA GLU B 96 -1.29 21.00 -6.32
C GLU B 96 -1.83 20.34 -5.06
N GLY B 97 -3.15 20.18 -4.99
CA GLY B 97 -3.82 19.55 -3.86
C GLY B 97 -3.99 20.40 -2.61
N ILE B 98 -3.58 21.67 -2.65
CA ILE B 98 -3.57 22.52 -1.45
C ILE B 98 -4.18 23.89 -1.72
N ILE B 99 -5.01 24.36 -0.79
CA ILE B 99 -5.36 25.78 -0.69
C ILE B 99 -4.76 26.41 0.57
N PHE B 100 -4.40 27.69 0.51
CA PHE B 100 -3.86 28.39 1.69
C PHE B 100 -4.90 29.12 2.56
N GLY B 101 -4.88 28.79 3.86
CA GLY B 101 -5.44 29.69 4.87
C GLY B 101 -4.51 30.88 4.97
N THR B 102 -4.89 31.88 5.76
CA THR B 102 -4.06 33.08 5.91
C THR B 102 -2.69 32.77 6.52
N ASN B 103 -2.65 31.79 7.42
CA ASN B 103 -1.43 31.42 8.12
C ASN B 103 -0.66 30.24 7.51
N GLY B 104 -1.30 29.51 6.59
CA GLY B 104 -0.64 28.37 5.96
C GLY B 104 -1.52 27.41 5.18
N PRO B 105 -0.92 26.28 4.79
CA PRO B 105 -1.53 25.32 3.85
C PRO B 105 -2.58 24.39 4.41
N VAL B 106 -3.59 24.11 3.59
CA VAL B 106 -4.59 23.10 3.90
C VAL B 106 -4.71 22.18 2.70
N ASP B 107 -4.66 20.87 2.96
CA ASP B 107 -4.97 19.86 1.95
C ASP B 107 -6.44 19.90 1.54
N LEU B 108 -6.69 20.00 0.25
CA LEU B 108 -8.04 20.02 -0.31
C LEU B 108 -8.82 18.77 0.08
N LYS B 109 -8.13 17.63 0.05
CA LYS B 109 -8.75 16.35 0.40
C LYS B 109 -9.33 16.41 1.80
N LYS B 110 -8.64 17.10 2.71
CA LYS B 110 -9.11 17.22 4.08
C LYS B 110 -10.42 17.99 4.16
N ILE B 111 -10.56 19.04 3.36
CA ILE B 111 -11.82 19.76 3.42
C ILE B 111 -12.97 19.00 2.73
N THR B 112 -12.69 18.38 1.58
CA THR B 112 -13.74 17.70 0.83
C THR B 112 -14.12 16.38 1.48
N ASN B 113 -13.22 15.82 2.30
CA ASN B 113 -13.52 14.59 3.05
C ASN B 113 -14.66 14.75 4.08
N PHE B 114 -14.86 15.96 4.59
CA PHE B 114 -15.96 16.22 5.53
C PHE B 114 -17.32 15.90 4.91
N PHE B 115 -17.38 15.90 3.58
CA PHE B 115 -18.65 15.70 2.87
C PHE B 115 -18.79 14.33 2.19
N ARG B 116 -17.76 13.48 2.29
CA ARG B 116 -17.81 12.12 1.76
C ARG B 116 -19.12 11.43 2.16
N GLY B 117 -19.73 10.70 1.23
CA GLY B 117 -21.06 10.11 1.41
C GLY B 117 -21.34 9.41 2.74
N ASP B 118 -20.29 9.17 3.53
CA ASP B 118 -20.41 8.44 4.79
C ASP B 118 -20.20 9.32 6.03
N ARG B 119 -19.81 10.58 5.81
CA ARG B 119 -19.56 11.54 6.89
C ARG B 119 -20.57 12.68 6.87
N CYS B 120 -21.37 12.73 5.80
CA CYS B 120 -22.43 13.72 5.68
C CYS B 120 -23.65 13.10 5.01
N ARG B 121 -24.45 12.40 5.83
CA ARG B 121 -25.52 11.52 5.34
C ARG B 121 -26.62 12.22 4.58
N SER B 122 -26.88 13.47 4.95
CA SER B 122 -27.96 14.25 4.37
C SER B 122 -27.57 14.86 3.01
N LEU B 123 -26.31 14.64 2.61
CA LEU B 123 -25.88 14.97 1.24
C LEU B 123 -25.64 13.74 0.32
N THR B 124 -25.80 12.54 0.86
CA THR B 124 -25.65 11.31 0.08
C THR B 124 -26.58 11.28 -1.15
N GLY B 125 -26.00 11.09 -2.34
CA GLY B 125 -26.79 11.05 -3.57
C GLY B 125 -27.04 12.41 -4.18
N LYS B 126 -26.41 13.43 -3.61
CA LYS B 126 -26.61 14.81 -4.03
C LYS B 126 -25.26 15.39 -4.45
N PRO B 127 -25.29 16.28 -5.44
CA PRO B 127 -24.05 16.84 -5.98
C PRO B 127 -23.36 17.80 -5.02
N LYS B 128 -22.09 17.51 -4.79
CA LYS B 128 -21.19 18.31 -3.98
C LYS B 128 -20.21 19.01 -4.93
N LEU B 129 -20.29 20.33 -4.99
CA LEU B 129 -19.53 21.10 -5.97
C LEU B 129 -18.49 21.99 -5.32
N PHE B 130 -17.23 21.75 -5.69
CA PHE B 130 -16.13 22.51 -5.17
C PHE B 130 -15.51 23.28 -6.32
N ILE B 131 -15.59 24.61 -6.23
CA ILE B 131 -15.02 25.53 -7.22
C ILE B 131 -13.72 26.10 -6.67
N ILE B 132 -12.60 25.79 -7.32
CA ILE B 132 -11.29 26.07 -6.75
C ILE B 132 -10.53 27.08 -7.59
N GLN B 133 -10.47 28.31 -7.08
CA GLN B 133 -9.67 29.35 -7.72
C GLN B 133 -8.37 29.50 -6.94
N ALA B 134 -7.34 28.76 -7.38
CA ALA B 134 -6.05 28.73 -6.73
C ALA B 134 -5.03 28.05 -7.63
N OCS B 135 -3.77 28.45 -7.46
CA OCS B 135 -2.65 27.89 -8.20
CB OCS B 135 -1.38 28.64 -7.77
SG OCS B 135 -1.49 30.32 -7.71
C OCS B 135 -2.51 26.42 -7.88
O OCS B 135 -2.78 25.97 -6.76
OD1 OCS B 135 -0.97 30.79 -9.00
OD2 OCS B 135 -2.88 30.83 -7.56
OD3 OCS B 135 -0.78 30.87 -6.53
N ARG B 136 -2.08 25.65 -8.87
CA ARG B 136 -1.82 24.21 -8.67
C ARG B 136 -0.34 23.94 -8.97
N GLY B 137 0.48 24.99 -8.83
CA GLY B 137 1.88 24.94 -9.19
C GLY B 137 2.31 26.24 -9.88
N THR B 138 3.47 26.21 -10.52
CA THR B 138 4.09 27.42 -11.08
C THR B 138 4.29 27.37 -12.58
N GLU B 139 3.88 26.28 -13.22
CA GLU B 139 3.97 26.19 -14.69
C GLU B 139 3.07 27.24 -15.36
N LEU B 140 3.53 27.73 -16.51
CA LEU B 140 2.80 28.72 -17.27
C LEU B 140 2.58 28.21 -18.68
N ASP B 141 1.38 28.42 -19.20
CA ASP B 141 0.99 27.88 -20.49
C ASP B 141 1.26 28.93 -21.56
N CYS B 142 2.27 28.66 -22.39
CA CYS B 142 2.71 29.61 -23.42
C CYS B 142 1.70 29.75 -24.54
N GLY B 143 0.79 28.80 -24.64
CA GLY B 143 -0.20 28.80 -25.71
C GLY B 143 0.39 28.53 -27.08
N ILE B 144 -0.49 28.41 -28.06
CA ILE B 144 -0.08 28.11 -29.41
C ILE B 144 -1.04 28.80 -30.37
N GLU B 145 -0.52 29.24 -31.51
CA GLU B 145 -1.25 30.11 -32.44
C GLU B 145 -2.22 29.40 -33.36
N THR B 146 -3.42 29.97 -33.45
CA THR B 146 -4.40 29.71 -34.51
C THR B 146 -5.30 30.94 -34.62
N ASP B 147 -5.57 31.56 -33.45
CA ASP B 147 -6.35 32.79 -33.29
C ASP B 147 -7.66 32.91 -34.09
N HIS B 157 -29.33 -0.20 -2.77
CA HIS B 157 -27.95 -0.45 -3.19
C HIS B 157 -26.93 0.26 -2.27
N LYS B 158 -25.69 0.29 -2.74
CA LYS B 158 -24.61 1.05 -2.15
C LYS B 158 -24.03 1.93 -3.26
N ILE B 159 -23.44 3.06 -2.89
CA ILE B 159 -22.67 3.88 -3.85
C ILE B 159 -21.29 4.16 -3.29
N PRO B 160 -20.31 4.49 -4.14
CA PRO B 160 -18.97 4.80 -3.64
C PRO B 160 -19.01 6.12 -2.87
N VAL B 161 -18.17 6.25 -1.84
CA VAL B 161 -18.19 7.44 -0.99
C VAL B 161 -17.61 8.62 -1.74
N ASP B 162 -16.84 8.32 -2.79
CA ASP B 162 -16.15 9.37 -3.53
C ASP B 162 -17.05 9.88 -4.70
N ALA B 163 -18.22 9.28 -4.86
CA ALA B 163 -19.19 9.67 -5.88
C ALA B 163 -20.00 10.96 -5.58
N ASP B 164 -20.51 11.57 -6.63
CA ASP B 164 -21.34 12.78 -6.57
C ASP B 164 -20.56 14.04 -6.17
N PHE B 165 -19.25 13.99 -6.37
CA PHE B 165 -18.40 15.16 -6.21
C PHE B 165 -18.02 15.70 -7.57
N LEU B 166 -17.97 17.02 -7.69
CA LEU B 166 -17.42 17.68 -8.85
C LEU B 166 -16.43 18.72 -8.35
N TYR B 167 -15.23 18.70 -8.91
CA TYR B 167 -14.19 19.65 -8.59
C TYR B 167 -13.92 20.48 -9.84
N ALA B 168 -14.34 21.75 -9.81
CA ALA B 168 -14.14 22.66 -10.91
C ALA B 168 -12.90 23.51 -10.63
N TYR B 169 -11.79 23.13 -11.25
CA TYR B 169 -10.54 23.84 -11.02
C TYR B 169 -10.38 24.93 -12.04
N SER B 170 -9.75 26.02 -11.61
CA SER B 170 -9.45 27.15 -12.48
C SER B 170 -8.35 26.87 -13.49
N THR B 171 -7.37 26.03 -13.15
CA THR B 171 -6.32 25.62 -14.10
C THR B 171 -6.03 24.13 -14.10
N ALA B 172 -5.30 23.70 -15.12
CA ALA B 172 -4.69 22.37 -15.20
C ALA B 172 -3.73 22.10 -14.05
N PRO B 173 -3.57 20.81 -13.69
CA PRO B 173 -2.59 20.39 -12.68
C PRO B 173 -1.17 20.92 -12.95
N GLY B 174 -0.53 21.48 -11.94
CA GLY B 174 0.83 21.99 -12.13
C GLY B 174 0.90 23.44 -12.58
N TYR B 175 -0.25 24.06 -12.89
CA TYR B 175 -0.24 25.40 -13.47
C TYR B 175 -0.63 26.54 -12.55
N TYR B 176 -0.07 27.71 -12.87
CA TYR B 176 -0.41 28.99 -12.25
C TYR B 176 -1.87 29.33 -12.59
N SER B 177 -2.54 30.10 -11.73
CA SER B 177 -3.90 30.54 -12.01
C SER B 177 -4.01 32.07 -12.06
N TRP B 178 -4.47 32.60 -13.19
CA TRP B 178 -4.37 34.04 -13.47
C TRP B 178 -5.50 34.89 -12.88
N ARG B 179 -5.08 35.93 -12.16
CA ARG B 179 -5.96 36.95 -11.58
C ARG B 179 -5.69 38.31 -12.20
N ASN B 180 -6.74 39.08 -12.40
CA ASN B 180 -6.65 40.47 -12.85
C ASN B 180 -7.26 41.36 -11.76
N SER B 181 -6.52 42.38 -11.33
CA SER B 181 -6.89 43.25 -10.20
C SER B 181 -8.22 43.98 -10.34
N LYS B 182 -8.55 44.34 -11.58
CA LYS B 182 -9.79 45.06 -11.86
C LYS B 182 -10.99 44.11 -11.90
N ASP B 183 -10.89 43.07 -12.75
CA ASP B 183 -12.03 42.20 -13.07
C ASP B 183 -12.16 40.95 -12.19
N GLY B 184 -11.14 40.64 -11.41
CA GLY B 184 -11.12 39.39 -10.67
C GLY B 184 -10.40 38.32 -11.49
N SER B 185 -10.49 37.07 -11.04
CA SER B 185 -9.81 35.98 -11.75
C SER B 185 -10.49 35.69 -13.06
N TRP B 186 -9.69 35.25 -14.04
CA TRP B 186 -10.20 34.82 -15.33
C TRP B 186 -11.27 33.72 -15.21
N PHE B 187 -11.07 32.79 -14.30
CA PHE B 187 -11.96 31.63 -14.18
C PHE B 187 -13.28 32.03 -13.53
N ILE B 188 -13.21 32.77 -12.41
CA ILE B 188 -14.45 33.18 -11.71
C ILE B 188 -15.31 34.14 -12.54
N GLN B 189 -14.67 35.15 -13.13
CA GLN B 189 -15.31 36.04 -14.08
C GLN B 189 -16.09 35.25 -15.11
N SER B 190 -15.40 34.32 -15.77
CA SER B 190 -15.97 33.49 -16.82
C SER B 190 -17.05 32.53 -16.34
N LEU B 191 -16.89 32.02 -15.12
CA LEU B 191 -17.88 31.10 -14.54
C LEU B 191 -19.18 31.85 -14.27
N CYS B 192 -19.07 33.05 -13.71
CA CYS B 192 -20.25 33.83 -13.38
C CYS B 192 -20.99 34.22 -14.65
N ALA B 193 -20.27 34.69 -15.67
CA ALA B 193 -20.88 35.06 -16.94
C ALA B 193 -21.66 33.91 -17.58
N MET B 194 -21.10 32.70 -17.55
CA MET B 194 -21.78 31.60 -18.21
C MET B 194 -22.95 31.01 -17.42
N LEU B 195 -22.84 31.06 -16.10
CA LEU B 195 -23.96 30.69 -15.26
C LEU B 195 -25.10 31.70 -15.45
N LYS B 196 -24.78 32.98 -15.49
CA LYS B 196 -25.79 33.99 -15.76
C LYS B 196 -26.47 33.76 -17.13
N GLN B 197 -25.66 33.51 -18.17
CA GLN B 197 -26.18 33.29 -19.51
C GLN B 197 -26.91 31.95 -19.71
N TYR B 198 -26.49 30.89 -19.03
CA TYR B 198 -26.97 29.53 -19.38
C TYR B 198 -27.52 28.66 -18.27
N ALA B 199 -27.46 29.12 -17.03
CA ALA B 199 -27.95 28.28 -15.94
C ALA B 199 -29.38 27.79 -16.18
N ASP B 200 -30.14 28.53 -16.99
CA ASP B 200 -31.55 28.21 -17.24
C ASP B 200 -31.76 27.21 -18.36
N LYS B 201 -30.72 26.95 -19.14
CA LYS B 201 -30.81 26.13 -20.35
C LYS B 201 -29.89 24.89 -20.31
N LEU B 202 -28.57 25.11 -20.20
CA LEU B 202 -27.59 24.03 -20.30
C LEU B 202 -27.39 23.15 -19.04
N GLU B 203 -27.05 21.88 -19.25
CA GLU B 203 -26.55 21.00 -18.20
C GLU B 203 -25.21 21.55 -17.68
N PHE B 204 -24.92 21.36 -16.39
CA PHE B 204 -23.73 21.98 -15.77
C PHE B 204 -22.37 21.72 -16.44
N MET B 205 -22.11 20.47 -16.83
CA MET B 205 -20.88 20.13 -17.57
C MET B 205 -20.74 20.95 -18.85
N HIS B 206 -21.87 21.24 -19.49
CA HIS B 206 -21.89 22.03 -20.71
C HIS B 206 -21.61 23.49 -20.38
N ILE B 207 -22.11 23.94 -19.24
CA ILE B 207 -21.79 25.30 -18.78
C ILE B 207 -20.27 25.42 -18.57
N LEU B 208 -19.68 24.46 -17.86
CA LEU B 208 -18.24 24.51 -17.55
C LEU B 208 -17.35 24.36 -18.77
N THR B 209 -17.83 23.62 -19.77
CA THR B 209 -17.16 23.52 -21.06
C THR B 209 -17.11 24.90 -21.74
N ARG B 210 -18.23 25.64 -21.71
CA ARG B 210 -18.24 27.02 -22.21
C ARG B 210 -17.32 27.89 -21.40
N VAL B 211 -17.33 27.69 -20.08
CA VAL B 211 -16.36 28.36 -19.22
C VAL B 211 -14.94 28.04 -19.76
N ASN B 212 -14.66 26.77 -20.06
CA ASN B 212 -13.34 26.41 -20.55
C ASN B 212 -12.95 27.18 -21.82
N ARG B 213 -13.86 27.23 -22.80
CA ARG B 213 -13.61 27.94 -24.05
C ARG B 213 -13.41 29.43 -23.83
N LYS B 214 -14.25 30.02 -22.97
CA LYS B 214 -14.12 31.44 -22.66
C LYS B 214 -12.73 31.78 -22.11
N VAL B 215 -12.30 31.05 -21.07
CA VAL B 215 -10.98 31.28 -20.49
C VAL B 215 -9.89 31.05 -21.53
N ALA B 216 -10.00 29.96 -22.29
CA ALA B 216 -8.96 29.55 -23.20
C ALA B 216 -8.75 30.53 -24.34
N THR B 217 -9.83 31.13 -24.86
CA THR B 217 -9.74 31.97 -26.08
C THR B 217 -9.67 33.47 -25.83
N GLU B 218 -10.40 33.95 -24.82
CA GLU B 218 -10.57 35.39 -24.60
C GLU B 218 -9.56 36.03 -23.67
N PHE B 219 -8.66 35.23 -23.10
CA PHE B 219 -7.78 35.72 -22.06
C PHE B 219 -6.33 35.46 -22.41
N GLU B 220 -5.49 36.44 -22.11
CA GLU B 220 -4.05 36.33 -22.32
C GLU B 220 -3.40 37.31 -21.34
N SER B 221 -2.35 36.89 -20.63
CA SER B 221 -1.75 37.76 -19.62
C SER B 221 -0.96 38.90 -20.25
N PHE B 222 -0.80 39.98 -19.51
CA PHE B 222 -0.03 41.12 -19.94
C PHE B 222 0.94 41.41 -18.85
N SER B 223 2.21 41.56 -19.22
CA SER B 223 3.28 41.81 -18.25
C SER B 223 4.46 42.52 -18.90
N PHE B 224 5.12 43.39 -18.12
CA PHE B 224 6.34 44.05 -18.57
C PHE B 224 7.50 43.07 -18.51
N ASP B 225 7.30 41.98 -17.76
CA ASP B 225 8.23 40.86 -17.70
C ASP B 225 7.84 39.86 -18.75
N ALA B 226 8.68 39.70 -19.78
CA ALA B 226 8.42 38.74 -20.84
C ALA B 226 8.14 37.31 -20.34
N THR B 227 8.72 36.97 -19.18
CA THR B 227 8.49 35.68 -18.53
C THR B 227 7.00 35.44 -18.22
N PHE B 228 6.30 36.51 -17.87
CA PHE B 228 4.91 36.42 -17.47
C PHE B 228 3.93 36.99 -18.49
N HIS B 229 4.45 37.36 -19.66
CA HIS B 229 3.65 38.01 -20.68
C HIS B 229 3.09 36.99 -21.66
N ALA B 230 1.90 37.30 -22.20
CA ALA B 230 1.22 36.47 -23.21
C ALA B 230 0.89 35.04 -22.76
N LYS B 231 0.69 34.84 -21.46
CA LYS B 231 0.41 33.51 -20.95
C LYS B 231 -1.07 33.14 -21.06
N LYS B 232 -1.32 31.85 -21.27
CA LYS B 232 -2.67 31.34 -21.50
C LYS B 232 -3.10 30.41 -20.36
N GLN B 233 -4.40 30.09 -20.33
CA GLN B 233 -4.96 29.28 -19.25
C GLN B 233 -6.18 28.43 -19.70
N ILE B 234 -6.21 27.19 -19.24
CA ILE B 234 -7.38 26.32 -19.41
C ILE B 234 -7.79 25.80 -18.03
N PRO B 235 -9.07 25.93 -17.68
CA PRO B 235 -9.58 25.31 -16.46
C PRO B 235 -9.58 23.78 -16.56
N CYS B 236 -9.89 23.11 -15.46
CA CYS B 236 -9.88 21.65 -15.39
C CYS B 236 -11.11 21.18 -14.64
N ILE B 237 -12.03 20.54 -15.36
CA ILE B 237 -13.26 19.98 -14.78
C ILE B 237 -13.02 18.54 -14.35
N VAL B 238 -13.09 18.28 -13.04
CA VAL B 238 -12.95 16.94 -12.49
C VAL B 238 -14.28 16.45 -11.93
N SER B 239 -14.92 15.53 -12.65
CA SER B 239 -16.25 15.07 -12.31
C SER B 239 -16.36 13.60 -11.91
N MET B 240 -16.86 13.37 -10.70
CA MET B 240 -17.31 12.04 -10.31
C MET B 240 -18.82 12.08 -10.07
N LEU B 241 -19.49 12.98 -10.78
CA LEU B 241 -20.94 13.05 -10.77
C LEU B 241 -21.51 11.82 -11.47
N THR B 242 -22.71 11.38 -11.07
CA THR B 242 -23.34 10.21 -11.66
C THR B 242 -24.54 10.59 -12.48
N LYS B 243 -24.93 11.85 -12.43
CA LYS B 243 -26.10 12.33 -13.18
C LYS B 243 -25.89 13.73 -13.73
N GLU B 244 -26.75 14.09 -14.67
CA GLU B 244 -26.86 15.42 -15.23
C GLU B 244 -27.37 16.45 -14.20
N LEU B 245 -26.75 17.62 -14.19
CA LEU B 245 -27.09 18.67 -13.25
C LEU B 245 -27.68 19.89 -13.98
N TYR B 246 -28.94 20.19 -13.68
CA TYR B 246 -29.59 21.39 -14.17
C TYR B 246 -30.00 22.22 -12.96
N PHE B 247 -29.70 23.51 -13.01
CA PHE B 247 -30.04 24.39 -11.90
C PHE B 247 -31.52 24.79 -11.88
N TYR B 248 -32.18 24.75 -13.03
CA TYR B 248 -33.62 25.05 -13.10
C TYR B 248 -34.37 23.75 -13.22
N HIS B 249 -35.52 23.65 -12.55
CA HIS B 249 -36.37 22.46 -12.62
C HIS B 249 -37.30 22.46 -13.84
N ASP C 6 16.17 -32.02 31.56
CA ASP C 6 16.39 -30.57 31.82
C ASP C 6 16.53 -29.77 30.51
N ASN C 7 15.96 -30.32 29.44
CA ASN C 7 15.97 -29.68 28.12
C ASN C 7 14.66 -28.97 27.81
N SER C 8 13.71 -29.06 28.73
CA SER C 8 12.35 -28.57 28.53
C SER C 8 11.82 -27.70 29.67
N TYR C 9 10.86 -26.82 29.36
CA TYR C 9 10.22 -25.96 30.37
C TYR C 9 9.39 -26.79 31.35
N LYS C 10 9.28 -26.30 32.58
CA LYS C 10 8.45 -26.94 33.61
C LYS C 10 6.98 -26.63 33.37
N MET C 11 6.19 -27.69 33.18
CA MET C 11 4.77 -27.54 32.86
C MET C 11 3.88 -28.25 33.89
N ASP C 12 4.46 -28.57 35.05
CA ASP C 12 3.75 -29.30 36.11
C ASP C 12 3.39 -28.41 37.31
N TYR C 13 3.53 -27.09 37.13
CA TYR C 13 3.00 -26.11 38.08
C TYR C 13 1.49 -26.36 38.25
N PRO C 14 0.88 -25.87 39.33
CA PRO C 14 -0.56 -26.09 39.58
C PRO C 14 -1.50 -25.52 38.50
N GLU C 15 -1.07 -24.48 37.79
CA GLU C 15 -1.82 -23.91 36.66
C GLU C 15 -0.98 -23.81 35.38
N MET C 16 -1.56 -24.18 34.24
CA MET C 16 -0.92 -23.96 32.94
C MET C 16 -0.60 -22.48 32.71
N GLY C 17 -1.48 -21.61 33.19
CA GLY C 17 -1.33 -20.18 33.06
C GLY C 17 -2.57 -19.60 32.43
N LEU C 18 -2.59 -18.29 32.26
CA LEU C 18 -3.73 -17.66 31.64
C LEU C 18 -3.50 -17.39 30.15
N CYS C 19 -4.59 -17.43 29.38
CA CYS C 19 -4.53 -17.16 27.95
C CYS C 19 -5.41 -15.97 27.67
N ILE C 20 -4.78 -14.80 27.52
CA ILE C 20 -5.49 -13.55 27.24
C ILE C 20 -5.73 -13.41 25.72
N ILE C 21 -6.99 -13.23 25.32
CA ILE C 21 -7.34 -13.06 23.91
C ILE C 21 -7.95 -11.69 23.65
N ILE C 22 -7.30 -10.89 22.81
CA ILE C 22 -7.81 -9.59 22.40
C ILE C 22 -8.41 -9.67 20.99
N ASN C 23 -9.69 -9.35 20.90
CA ASN C 23 -10.46 -9.62 19.70
C ASN C 23 -11.13 -8.36 19.18
N ASN C 24 -10.42 -7.65 18.31
CA ASN C 24 -10.91 -6.40 17.78
C ASN C 24 -11.63 -6.60 16.44
N LYS C 25 -12.94 -6.34 16.46
CA LYS C 25 -13.81 -6.47 15.29
C LYS C 25 -14.17 -5.11 14.70
N ASN C 26 -14.58 -4.17 15.56
CA ASN C 26 -15.08 -2.86 15.12
C ASN C 26 -14.17 -1.72 15.53
N PHE C 27 -13.93 -0.81 14.61
CA PHE C 27 -12.99 0.28 14.84
C PHE C 27 -13.71 1.62 14.82
N HIS C 28 -13.22 2.54 15.65
CA HIS C 28 -13.77 3.89 15.74
C HIS C 28 -13.72 4.52 14.35
N LYS C 29 -14.85 5.13 13.97
CA LYS C 29 -15.02 5.73 12.66
C LYS C 29 -13.98 6.81 12.35
N SER C 30 -13.30 7.30 13.39
CA SER C 30 -12.20 8.24 13.21
C SER C 30 -10.99 7.60 12.51
N THR C 31 -10.72 6.33 12.81
CA THR C 31 -9.54 5.66 12.26
C THR C 31 -9.67 5.29 10.79
N GLY C 32 -10.90 5.20 10.28
CA GLY C 32 -11.14 4.77 8.91
C GLY C 32 -10.98 3.27 8.67
N MET C 33 -10.70 2.51 9.73
CA MET C 33 -10.43 1.08 9.60
C MET C 33 -11.71 0.26 9.45
N THR C 34 -11.62 -0.79 8.63
CA THR C 34 -12.76 -1.62 8.29
C THR C 34 -13.08 -2.68 9.34
N SER C 35 -14.30 -3.17 9.28
CA SER C 35 -14.76 -4.19 10.20
C SER C 35 -14.12 -5.54 9.85
N ARG C 36 -13.63 -6.24 10.87
CA ARG C 36 -12.97 -7.51 10.66
C ARG C 36 -13.98 -8.66 10.79
N SER C 37 -14.89 -8.72 9.81
CA SER C 37 -15.96 -9.73 9.80
C SER C 37 -15.41 -11.12 10.00
N GLY C 38 -16.01 -11.85 10.94
CA GLY C 38 -15.65 -13.24 11.17
C GLY C 38 -14.55 -13.48 12.20
N THR C 39 -14.04 -12.42 12.82
CA THR C 39 -13.00 -12.58 13.85
C THR C 39 -13.47 -13.34 15.10
N ASP C 40 -14.77 -13.28 15.40
CA ASP C 40 -15.34 -14.02 16.52
C ASP C 40 -15.15 -15.54 16.34
N VAL C 41 -15.08 -15.97 15.10
CA VAL C 41 -14.77 -17.35 14.74
C VAL C 41 -13.36 -17.78 15.21
N ASP C 42 -12.37 -16.90 15.06
CA ASP C 42 -11.02 -17.17 15.52
C ASP C 42 -11.02 -17.20 17.04
N ALA C 43 -11.62 -16.18 17.63
CA ALA C 43 -11.66 -16.03 19.08
C ALA C 43 -12.32 -17.24 19.76
N ALA C 44 -13.49 -17.65 19.27
CA ALA C 44 -14.22 -18.79 19.83
C ALA C 44 -13.51 -20.13 19.62
N ASN C 45 -12.74 -20.20 18.55
CA ASN C 45 -11.95 -21.38 18.25
C ASN C 45 -10.78 -21.44 19.21
N LEU C 46 -10.18 -20.28 19.48
CA LEU C 46 -9.04 -20.19 20.37
C LEU C 46 -9.46 -20.33 21.82
N ARG C 47 -10.67 -19.86 22.12
CA ARG C 47 -11.27 -20.02 23.44
C ARG C 47 -11.34 -21.52 23.77
N GLU C 48 -11.99 -22.28 22.88
CA GLU C 48 -12.12 -23.72 23.03
C GLU C 48 -10.76 -24.43 23.12
N THR C 49 -9.90 -24.21 22.12
CA THR C 49 -8.61 -24.91 22.01
C THR C 49 -7.68 -24.71 23.23
N PHE C 50 -7.56 -23.46 23.69
CA PHE C 50 -6.76 -23.17 24.88
C PHE C 50 -7.45 -23.54 26.21
N ARG C 51 -8.78 -23.52 26.25
CA ARG C 51 -9.56 -24.04 27.38
C ARG C 51 -9.29 -25.53 27.55
N ASN C 52 -9.32 -26.26 26.44
CA ASN C 52 -8.99 -27.69 26.42
C ASN C 52 -7.54 -28.01 26.76
N LEU C 53 -6.68 -27.00 26.69
CA LEU C 53 -5.28 -27.14 27.07
C LEU C 53 -5.05 -26.76 28.53
N LYS C 54 -6.15 -26.51 29.24
CA LYS C 54 -6.15 -26.15 30.68
C LYS C 54 -5.67 -24.72 31.00
N TYR C 55 -5.86 -23.79 30.07
CA TYR C 55 -5.53 -22.38 30.35
C TYR C 55 -6.73 -21.63 30.91
N GLU C 56 -6.46 -20.63 31.75
CA GLU C 56 -7.48 -19.68 32.15
C GLU C 56 -7.65 -18.68 31.01
N VAL C 57 -8.67 -18.90 30.18
CA VAL C 57 -8.93 -18.07 29.00
C VAL C 57 -9.76 -16.82 29.34
N ARG C 58 -9.16 -15.64 29.19
CA ARG C 58 -9.88 -14.37 29.32
C ARG C 58 -9.99 -13.65 27.98
N ASN C 59 -11.20 -13.57 27.44
CA ASN C 59 -11.48 -12.90 26.16
C ASN C 59 -11.83 -11.43 26.31
N LYS C 60 -11.26 -10.59 25.46
CA LYS C 60 -11.59 -9.17 25.42
C LYS C 60 -11.93 -8.72 24.00
N ASN C 61 -13.13 -8.19 23.82
CA ASN C 61 -13.58 -7.71 22.51
C ASN C 61 -13.49 -6.20 22.39
N ASP C 62 -12.96 -5.74 21.25
CA ASP C 62 -12.94 -4.32 20.88
C ASP C 62 -12.30 -3.38 21.90
N LEU C 63 -11.05 -3.66 22.26
CA LEU C 63 -10.28 -2.79 23.15
C LEU C 63 -9.67 -1.59 22.42
N THR C 64 -9.70 -0.43 23.07
CA THR C 64 -8.97 0.73 22.55
C THR C 64 -7.46 0.50 22.77
N ARG C 65 -6.63 1.36 22.21
CA ARG C 65 -5.18 1.27 22.47
C ARG C 65 -4.91 1.46 23.98
N GLU C 66 -5.59 2.43 24.59
CA GLU C 66 -5.52 2.68 26.03
C GLU C 66 -5.89 1.43 26.84
N GLU C 67 -6.99 0.77 26.47
CA GLU C 67 -7.46 -0.42 27.16
C GLU C 67 -6.54 -1.62 26.97
N ILE C 68 -5.93 -1.74 25.79
CA ILE C 68 -4.98 -2.81 25.53
C ILE C 68 -3.77 -2.68 26.47
N VAL C 69 -3.25 -1.46 26.59
CA VAL C 69 -2.05 -1.19 27.37
C VAL C 69 -2.35 -1.39 28.86
N GLU C 70 -3.48 -0.83 29.30
CA GLU C 70 -4.03 -1.02 30.63
C GLU C 70 -4.08 -2.50 31.03
N LEU C 71 -4.67 -3.32 30.16
CA LEU C 71 -4.93 -4.73 30.44
C LEU C 71 -3.63 -5.53 30.56
N MET C 72 -2.67 -5.24 29.69
CA MET C 72 -1.37 -5.92 29.73
C MET C 72 -0.59 -5.56 30.98
N ARG C 73 -0.66 -4.28 31.36
CA ARG C 73 -0.12 -3.76 32.62
C ARG C 73 -0.69 -4.52 33.82
N ASP C 74 -2.01 -4.50 33.95
CA ASP C 74 -2.72 -5.20 35.02
C ASP C 74 -2.30 -6.66 35.15
N VAL C 75 -2.36 -7.38 34.03
CA VAL C 75 -2.14 -8.84 33.98
C VAL C 75 -0.70 -9.21 34.31
N SER C 76 0.23 -8.37 33.89
CA SER C 76 1.66 -8.57 34.15
C SER C 76 1.98 -8.28 35.62
N LYS C 77 1.19 -7.41 36.24
CA LYS C 77 1.32 -7.10 37.67
C LYS C 77 0.78 -8.24 38.53
N GLU C 78 0.00 -9.13 37.93
CA GLU C 78 -0.55 -10.29 38.63
C GLU C 78 0.55 -11.23 39.14
N ASP C 79 0.15 -12.17 40.00
CA ASP C 79 1.08 -13.19 40.49
C ASP C 79 0.94 -14.48 39.68
N HIS C 80 1.97 -14.78 38.91
CA HIS C 80 2.00 -15.97 38.05
C HIS C 80 2.92 -17.07 38.59
N SER C 81 3.36 -16.93 39.84
CA SER C 81 4.32 -17.88 40.45
C SER C 81 3.84 -19.33 40.39
N LYS C 82 2.53 -19.50 40.52
CA LYS C 82 1.92 -20.83 40.51
C LYS C 82 1.42 -21.24 39.10
N ARG C 83 1.85 -20.49 38.09
CA ARG C 83 1.44 -20.75 36.70
C ARG C 83 2.61 -21.20 35.83
N SER C 84 2.38 -22.24 35.01
CA SER C 84 3.37 -22.76 34.08
C SER C 84 3.80 -21.76 32.97
N SER C 85 2.86 -20.97 32.47
CA SER C 85 3.15 -20.16 31.30
C SER C 85 2.18 -19.01 31.10
N PHE C 86 2.39 -18.25 30.01
CA PHE C 86 1.53 -17.13 29.66
C PHE C 86 1.31 -17.05 28.15
N VAL C 87 0.04 -16.91 27.76
CA VAL C 87 -0.34 -16.83 26.35
C VAL C 87 -1.16 -15.57 26.11
N CYS C 88 -0.74 -14.77 25.12
CA CYS C 88 -1.51 -13.62 24.67
C CYS C 88 -1.78 -13.77 23.18
N VAL C 89 -3.05 -13.65 22.79
CA VAL C 89 -3.43 -13.71 21.38
C VAL C 89 -3.97 -12.34 20.95
N LEU C 90 -3.42 -11.80 19.85
CA LEU C 90 -3.97 -10.56 19.28
C LEU C 90 -4.60 -10.78 17.90
N LEU C 91 -5.89 -10.44 17.81
CA LEU C 91 -6.67 -10.54 16.58
C LEU C 91 -7.11 -9.15 16.18
N SER C 92 -6.46 -8.60 15.15
CA SER C 92 -6.76 -7.24 14.77
C SER C 92 -6.14 -6.85 13.41
N HIS C 93 -6.35 -5.60 13.01
CA HIS C 93 -5.58 -4.99 11.94
C HIS C 93 -4.20 -4.74 12.50
N GLY C 94 -3.20 -4.64 11.63
CA GLY C 94 -1.86 -4.36 12.07
C GLY C 94 -0.99 -3.83 10.96
N GLU C 95 0.25 -3.50 11.34
CA GLU C 95 1.34 -3.15 10.42
C GLU C 95 2.59 -3.75 11.06
N GLU C 96 3.71 -3.78 10.33
CA GLU C 96 4.97 -4.28 10.89
C GLU C 96 5.25 -3.70 12.28
N GLY C 97 5.26 -4.58 13.28
CA GLY C 97 5.53 -4.21 14.65
C GLY C 97 4.40 -3.51 15.40
N ILE C 98 3.20 -3.53 14.83
CA ILE C 98 2.06 -2.80 15.36
C ILE C 98 0.77 -3.63 15.33
N ILE C 99 -0.01 -3.60 16.40
CA ILE C 99 -1.40 -4.03 16.35
C ILE C 99 -2.33 -2.87 16.65
N PHE C 100 -3.52 -2.89 16.06
CA PHE C 100 -4.42 -1.80 16.27
C PHE C 100 -5.41 -2.03 17.40
N GLY C 101 -5.46 -1.06 18.29
CA GLY C 101 -6.62 -0.87 19.15
C GLY C 101 -7.75 -0.32 18.30
N THR C 102 -8.96 -0.31 18.84
CA THR C 102 -10.12 0.10 18.04
C THR C 102 -10.03 1.54 17.57
N ASN C 103 -9.25 2.35 18.28
CA ASN C 103 -9.10 3.78 17.99
C ASN C 103 -7.70 4.23 17.57
N GLY C 104 -6.79 3.27 17.35
CA GLY C 104 -5.46 3.59 16.86
C GLY C 104 -4.38 2.57 17.16
N PRO C 105 -3.17 2.82 16.65
CA PRO C 105 -2.04 1.88 16.76
C PRO C 105 -1.45 1.64 18.16
N VAL C 106 -0.91 0.45 18.36
CA VAL C 106 -0.11 0.12 19.53
C VAL C 106 1.15 -0.62 19.08
N ASP C 107 2.30 -0.23 19.62
CA ASP C 107 3.56 -0.92 19.38
C ASP C 107 3.55 -2.25 20.11
N LEU C 108 3.86 -3.32 19.39
CA LEU C 108 3.85 -4.65 19.98
C LEU C 108 4.91 -4.76 21.07
N LYS C 109 6.02 -4.06 20.88
CA LYS C 109 7.09 -4.03 21.87
C LYS C 109 6.57 -3.49 23.21
N LYS C 110 5.78 -2.42 23.16
CA LYS C 110 5.18 -1.83 24.34
C LYS C 110 4.34 -2.86 25.09
N ILE C 111 3.57 -3.67 24.36
CA ILE C 111 2.76 -4.67 25.04
C ILE C 111 3.60 -5.84 25.58
N THR C 112 4.63 -6.27 24.85
CA THR C 112 5.48 -7.39 25.31
C THR C 112 6.47 -7.00 26.41
N ASN C 113 6.90 -5.74 26.41
CA ASN C 113 7.80 -5.24 27.45
C ASN C 113 7.28 -5.47 28.87
N PHE C 114 5.96 -5.37 29.07
CA PHE C 114 5.33 -5.59 30.38
C PHE C 114 5.68 -6.95 30.99
N PHE C 115 6.04 -7.91 30.15
CA PHE C 115 6.34 -9.27 30.58
C PHE C 115 7.83 -9.56 30.48
N ARG C 116 8.58 -8.53 30.07
CA ARG C 116 10.04 -8.60 29.93
C ARG C 116 10.67 -8.94 31.27
N GLY C 117 11.30 -10.11 31.36
CA GLY C 117 11.96 -10.62 32.56
C GLY C 117 11.90 -9.79 33.84
N ASP C 118 12.54 -8.61 33.82
CA ASP C 118 12.63 -7.74 34.99
C ASP C 118 11.32 -7.07 35.43
N ARG C 119 10.35 -6.98 34.52
CA ARG C 119 9.08 -6.29 34.79
C ARG C 119 7.94 -7.22 35.23
N CYS C 120 8.13 -8.52 35.05
CA CYS C 120 7.16 -9.53 35.50
C CYS C 120 7.89 -10.74 36.08
N ARG C 121 8.25 -10.62 37.35
CA ARG C 121 9.13 -11.57 38.04
C ARG C 121 8.54 -12.97 38.22
N SER C 122 7.21 -13.06 38.32
CA SER C 122 6.55 -14.37 38.50
C SER C 122 6.57 -15.24 37.24
N LEU C 123 6.98 -14.66 36.12
CA LEU C 123 7.05 -15.37 34.83
C LEU C 123 8.49 -15.57 34.35
N THR C 124 9.46 -15.12 35.16
CA THR C 124 10.89 -15.31 34.87
C THR C 124 11.19 -16.81 34.67
N GLY C 125 11.84 -17.13 33.55
CA GLY C 125 12.18 -18.50 33.20
C GLY C 125 11.04 -19.33 32.63
N LYS C 126 9.87 -18.70 32.49
CA LYS C 126 8.69 -19.37 31.95
C LYS C 126 8.35 -18.88 30.53
N PRO C 127 7.78 -19.77 29.71
CA PRO C 127 7.47 -19.41 28.32
C PRO C 127 6.36 -18.37 28.22
N LYS C 128 6.68 -17.26 27.55
CA LYS C 128 5.73 -16.20 27.24
C LYS C 128 5.34 -16.29 25.75
N LEU C 129 4.14 -16.76 25.47
CA LEU C 129 3.70 -16.98 24.08
C LEU C 129 2.76 -15.91 23.54
N PHE C 130 3.18 -15.27 22.44
CA PHE C 130 2.37 -14.24 21.80
C PHE C 130 1.98 -14.68 20.39
N ILE C 131 0.68 -14.92 20.19
CA ILE C 131 0.12 -15.31 18.89
C ILE C 131 -0.42 -14.05 18.24
N ILE C 132 0.13 -13.66 17.10
CA ILE C 132 -0.30 -12.44 16.41
C ILE C 132 -0.96 -12.73 15.08
N GLN C 133 -2.26 -12.55 15.01
CA GLN C 133 -2.99 -12.61 13.76
C GLN C 133 -3.31 -11.18 13.34
N ALA C 134 -2.44 -10.60 12.51
CA ALA C 134 -2.56 -9.23 12.01
C ALA C 134 -1.57 -9.03 10.88
N OCS C 135 -1.87 -8.08 10.01
CA OCS C 135 -1.02 -7.74 8.89
CB OCS C 135 -1.68 -6.65 8.04
SG OCS C 135 -3.24 -6.96 7.48
C OCS C 135 0.29 -7.20 9.42
O OCS C 135 0.35 -6.56 10.48
OD1 OCS C 135 -3.41 -6.13 6.25
OD2 OCS C 135 -3.25 -8.36 7.03
OD3 OCS C 135 -4.35 -6.61 8.47
N ARG C 136 1.35 -7.46 8.66
CA ARG C 136 2.70 -6.97 8.97
C ARG C 136 3.18 -6.08 7.83
N GLY C 137 2.23 -5.55 7.08
CA GLY C 137 2.50 -4.81 5.86
C GLY C 137 1.42 -5.18 4.86
N THR C 138 1.63 -4.90 3.57
CA THR C 138 0.58 -5.06 2.57
C THR C 138 0.99 -5.92 1.37
N GLU C 139 2.21 -6.44 1.37
CA GLU C 139 2.67 -7.27 0.26
C GLU C 139 1.89 -8.58 0.16
N LEU C 140 1.63 -9.00 -1.08
CA LEU C 140 0.99 -10.29 -1.37
C LEU C 140 2.03 -11.26 -1.88
N ASP C 141 1.94 -12.52 -1.47
CA ASP C 141 2.85 -13.56 -1.94
C ASP C 141 2.24 -14.31 -3.13
N CYS C 142 2.83 -14.15 -4.30
CA CYS C 142 2.32 -14.76 -5.55
C CYS C 142 2.51 -16.28 -5.58
N GLY C 143 3.45 -16.77 -4.79
CA GLY C 143 3.71 -18.19 -4.73
C GLY C 143 4.56 -18.70 -5.88
N ILE C 144 4.84 -20.01 -5.84
CA ILE C 144 5.59 -20.71 -6.89
C ILE C 144 5.06 -22.14 -7.01
N GLU C 145 4.82 -22.56 -8.26
CA GLU C 145 4.37 -23.92 -8.58
C GLU C 145 5.39 -24.99 -8.18
N THR C 146 4.88 -26.19 -7.89
CA THR C 146 5.71 -27.32 -7.47
C THR C 146 6.55 -27.93 -8.60
N ASP C 147 7.67 -28.51 -8.20
CA ASP C 147 8.58 -29.19 -9.12
C ASP C 147 8.14 -30.63 -9.37
N HIS C 157 22.83 -18.14 36.34
CA HIS C 157 22.71 -17.12 37.38
C HIS C 157 21.97 -15.88 36.87
N LYS C 158 22.44 -15.31 35.76
CA LYS C 158 21.79 -14.19 35.11
C LYS C 158 21.32 -14.65 33.73
N ILE C 159 20.11 -14.25 33.35
CA ILE C 159 19.56 -14.54 32.01
C ILE C 159 19.15 -13.24 31.31
N PRO C 160 19.06 -13.25 29.97
CA PRO C 160 18.58 -12.07 29.26
C PRO C 160 17.11 -11.80 29.59
N VAL C 161 16.74 -10.52 29.69
CA VAL C 161 15.33 -10.16 29.95
C VAL C 161 14.45 -10.50 28.75
N ASP C 162 15.06 -10.54 27.57
CA ASP C 162 14.35 -10.81 26.31
C ASP C 162 14.20 -12.31 25.99
N ALA C 163 14.53 -13.14 26.98
CA ALA C 163 14.49 -14.60 26.82
C ALA C 163 13.14 -15.22 27.20
N ASP C 164 12.92 -16.43 26.71
CA ASP C 164 11.72 -17.22 27.00
C ASP C 164 10.44 -16.62 26.41
N PHE C 165 10.62 -15.88 25.32
CA PHE C 165 9.52 -15.35 24.54
C PHE C 165 9.37 -16.17 23.25
N LEU C 166 8.12 -16.38 22.84
CA LEU C 166 7.87 -16.91 21.50
C LEU C 166 6.87 -16.01 20.81
N TYR C 167 7.11 -15.69 19.54
CA TYR C 167 6.17 -14.91 18.75
C TYR C 167 5.72 -15.71 17.53
N ALA C 168 4.49 -16.21 17.58
CA ALA C 168 3.91 -16.91 16.44
C ALA C 168 3.11 -15.92 15.60
N TYR C 169 3.75 -15.41 14.53
CA TYR C 169 3.12 -14.45 13.61
C TYR C 169 2.38 -15.18 12.52
N SER C 170 1.26 -14.60 12.09
CA SER C 170 0.47 -15.18 11.00
C SER C 170 1.12 -15.09 9.61
N THR C 171 1.95 -14.06 9.39
CA THR C 171 2.67 -13.88 8.13
C THR C 171 4.10 -13.51 8.36
N ALA C 172 4.85 -13.48 7.25
CA ALA C 172 6.22 -13.01 7.17
C ALA C 172 6.25 -11.49 7.29
N PRO C 173 7.39 -10.92 7.70
CA PRO C 173 7.52 -9.46 7.77
C PRO C 173 7.15 -8.80 6.45
N GLY C 174 6.39 -7.69 6.53
CA GLY C 174 5.99 -6.98 5.32
C GLY C 174 4.73 -7.49 4.62
N TYR C 175 4.20 -8.64 5.02
CA TYR C 175 3.10 -9.29 4.28
C TYR C 175 1.72 -9.14 4.89
N TYR C 176 0.72 -9.14 4.01
CA TYR C 176 -0.69 -9.13 4.38
C TYR C 176 -1.09 -10.46 4.99
N SER C 177 -2.08 -10.46 5.88
CA SER C 177 -2.55 -11.70 6.50
C SER C 177 -3.97 -12.03 6.03
N TRP C 178 -4.13 -13.20 5.38
CA TRP C 178 -5.42 -13.60 4.82
C TRP C 178 -6.40 -14.18 5.85
N ARG C 179 -7.66 -13.79 5.70
CA ARG C 179 -8.71 -14.31 6.55
C ARG C 179 -9.91 -14.70 5.70
N ASN C 180 -10.62 -15.74 6.12
CA ASN C 180 -11.91 -16.11 5.54
C ASN C 180 -12.96 -15.63 6.54
N SER C 181 -13.83 -14.75 6.10
CA SER C 181 -14.82 -14.15 6.99
C SER C 181 -15.73 -15.21 7.62
N LYS C 182 -15.97 -16.28 6.88
CA LYS C 182 -16.85 -17.32 7.36
C LYS C 182 -16.14 -18.37 8.23
N ASP C 183 -14.99 -18.85 7.76
CA ASP C 183 -14.39 -20.05 8.34
C ASP C 183 -13.21 -19.83 9.29
N GLY C 184 -12.78 -18.58 9.44
CA GLY C 184 -11.63 -18.21 10.26
C GLY C 184 -10.44 -17.76 9.43
N SER C 185 -9.52 -17.02 10.04
CA SER C 185 -8.27 -16.67 9.35
C SER C 185 -7.45 -17.93 9.06
N TRP C 186 -6.66 -17.88 7.99
CA TRP C 186 -5.85 -19.04 7.60
C TRP C 186 -5.01 -19.52 8.77
N PHE C 187 -4.29 -18.59 9.40
CA PHE C 187 -3.39 -18.91 10.49
C PHE C 187 -4.07 -19.54 11.70
N ILE C 188 -5.02 -18.83 12.29
CA ILE C 188 -5.70 -19.31 13.49
C ILE C 188 -6.41 -20.64 13.25
N GLN C 189 -7.06 -20.78 12.09
CA GLN C 189 -7.67 -22.05 11.64
C GLN C 189 -6.69 -23.22 11.72
N SER C 190 -5.48 -22.99 11.22
CA SER C 190 -4.44 -23.99 11.22
C SER C 190 -3.78 -24.18 12.59
N LEU C 191 -3.66 -23.09 13.36
CA LEU C 191 -3.08 -23.20 14.69
C LEU C 191 -3.93 -24.09 15.59
N CYS C 192 -5.24 -23.90 15.57
CA CYS C 192 -6.14 -24.67 16.40
C CYS C 192 -6.26 -26.12 15.92
N ALA C 193 -6.27 -26.33 14.59
CA ALA C 193 -6.29 -27.68 14.03
C ALA C 193 -5.08 -28.45 14.50
N MET C 194 -3.90 -27.86 14.32
CA MET C 194 -2.65 -28.53 14.67
C MET C 194 -2.44 -28.73 16.18
N LEU C 195 -2.85 -27.74 16.96
CA LEU C 195 -2.80 -27.86 18.42
C LEU C 195 -3.72 -28.99 18.89
N LYS C 196 -4.94 -29.04 18.36
CA LYS C 196 -5.90 -30.10 18.66
C LYS C 196 -5.30 -31.48 18.35
N GLN C 197 -4.85 -31.66 17.12
CA GLN C 197 -4.20 -32.90 16.70
C GLN C 197 -2.96 -33.29 17.53
N TYR C 198 -2.02 -32.37 17.71
CA TYR C 198 -0.67 -32.72 18.20
C TYR C 198 -0.21 -32.17 19.55
N ALA C 199 -1.09 -31.50 20.30
CA ALA C 199 -0.67 -30.87 21.56
C ALA C 199 -0.18 -31.88 22.62
N ASP C 200 -0.59 -33.13 22.48
CA ASP C 200 -0.13 -34.18 23.40
C ASP C 200 0.98 -35.06 22.83
N LYS C 201 1.40 -34.80 21.60
CA LYS C 201 2.41 -35.65 20.95
C LYS C 201 3.73 -34.92 20.67
N LEU C 202 3.63 -33.67 20.22
CA LEU C 202 4.79 -32.96 19.68
C LEU C 202 5.22 -31.74 20.51
N GLU C 203 6.48 -31.38 20.36
CA GLU C 203 7.03 -30.15 20.89
C GLU C 203 6.42 -28.94 20.15
N PHE C 204 6.18 -27.84 20.88
CA PHE C 204 5.49 -26.67 20.33
C PHE C 204 6.03 -26.18 18.99
N MET C 205 7.36 -26.05 18.89
CA MET C 205 8.02 -25.68 17.63
C MET C 205 7.66 -26.58 16.46
N HIS C 206 7.62 -27.89 16.71
CA HIS C 206 7.26 -28.85 15.66
C HIS C 206 5.78 -28.75 15.30
N ILE C 207 4.97 -28.33 16.27
CA ILE C 207 3.55 -28.06 16.01
C ILE C 207 3.40 -26.83 15.10
N LEU C 208 4.15 -25.76 15.39
CA LEU C 208 4.05 -24.53 14.59
C LEU C 208 4.62 -24.75 13.18
N THR C 209 5.60 -25.64 13.10
CA THR C 209 6.18 -26.03 11.82
C THR C 209 5.11 -26.72 10.97
N ARG C 210 4.30 -27.55 11.62
CA ARG C 210 3.17 -28.17 10.93
C ARG C 210 2.07 -27.17 10.59
N VAL C 211 1.96 -26.09 11.36
CA VAL C 211 1.04 -24.99 11.06
C VAL C 211 1.54 -24.27 9.80
N ASN C 212 2.83 -23.99 9.76
CA ASN C 212 3.48 -23.43 8.59
C ASN C 212 3.19 -24.24 7.30
N ARG C 213 3.38 -25.55 7.36
CA ARG C 213 3.07 -26.43 6.24
C ARG C 213 1.61 -26.32 5.84
N LYS C 214 0.72 -26.49 6.83
CA LYS C 214 -0.71 -26.45 6.56
C LYS C 214 -1.11 -25.17 5.84
N VAL C 215 -0.68 -24.02 6.37
CA VAL C 215 -1.04 -22.72 5.81
C VAL C 215 -0.46 -22.54 4.41
N ALA C 216 0.80 -22.93 4.25
CA ALA C 216 1.49 -22.78 2.99
C ALA C 216 0.92 -23.68 1.89
N THR C 217 0.42 -24.85 2.26
CA THR C 217 0.05 -25.86 1.25
C THR C 217 -1.45 -26.00 1.00
N GLU C 218 -2.28 -25.72 2.00
CA GLU C 218 -3.72 -25.93 1.87
C GLU C 218 -4.57 -24.71 1.47
N PHE C 219 -3.96 -23.51 1.56
CA PHE C 219 -4.69 -22.27 1.33
C PHE C 219 -4.17 -21.51 0.12
N GLU C 220 -5.09 -20.92 -0.63
CA GLU C 220 -4.77 -20.07 -1.76
C GLU C 220 -5.96 -19.14 -2.00
N SER C 221 -5.70 -17.85 -2.19
CA SER C 221 -6.80 -16.89 -2.33
C SER C 221 -7.58 -17.15 -3.61
N PHE C 222 -8.86 -16.85 -3.58
CA PHE C 222 -9.66 -16.90 -4.80
C PHE C 222 -10.33 -15.55 -5.04
N SER C 223 -10.16 -15.04 -6.24
CA SER C 223 -10.79 -13.79 -6.60
C SER C 223 -11.00 -13.66 -8.11
N PHE C 224 -12.15 -13.09 -8.48
CA PHE C 224 -12.42 -12.77 -9.88
C PHE C 224 -11.60 -11.59 -10.41
N ASP C 225 -10.91 -10.90 -9.51
CA ASP C 225 -9.94 -9.88 -9.86
C ASP C 225 -8.57 -10.46 -9.62
N ALA C 226 -7.80 -10.54 -10.69
CA ALA C 226 -6.45 -11.14 -10.71
C ALA C 226 -5.54 -10.64 -9.59
N THR C 227 -5.64 -9.35 -9.26
CA THR C 227 -4.81 -8.75 -8.21
C THR C 227 -4.80 -9.55 -6.91
N PHE C 228 -5.95 -10.13 -6.56
CA PHE C 228 -6.14 -10.82 -5.29
C PHE C 228 -6.38 -12.32 -5.47
N HIS C 229 -6.07 -12.84 -6.66
CA HIS C 229 -6.29 -14.24 -6.96
C HIS C 229 -5.02 -15.08 -6.84
N ALA C 230 -5.14 -16.27 -6.24
CA ALA C 230 -4.06 -17.26 -6.19
C ALA C 230 -2.87 -16.86 -5.32
N LYS C 231 -3.15 -16.13 -4.25
CA LYS C 231 -2.09 -15.68 -3.36
C LYS C 231 -1.92 -16.64 -2.21
N LYS C 232 -0.71 -16.62 -1.65
CA LYS C 232 -0.27 -17.58 -0.67
C LYS C 232 0.21 -16.91 0.60
N GLN C 233 0.50 -17.73 1.61
CA GLN C 233 0.93 -17.20 2.90
C GLN C 233 1.79 -18.20 3.64
N ILE C 234 2.91 -17.72 4.18
CA ILE C 234 3.66 -18.48 5.18
C ILE C 234 3.65 -17.73 6.52
N PRO C 235 3.30 -18.40 7.62
CA PRO C 235 3.46 -17.79 8.94
C PRO C 235 4.93 -17.63 9.31
N CYS C 236 5.18 -16.95 10.42
CA CYS C 236 6.55 -16.67 10.83
C CYS C 236 6.76 -16.97 12.32
N ILE C 237 7.64 -17.92 12.60
CA ILE C 237 7.96 -18.34 13.97
C ILE C 237 9.22 -17.64 14.46
N VAL C 238 9.06 -16.77 15.46
CA VAL C 238 10.18 -16.06 16.09
C VAL C 238 10.33 -16.58 17.52
N SER C 239 11.35 -17.40 17.75
CA SER C 239 11.55 -18.03 19.07
C SER C 239 12.81 -17.55 19.79
N MET C 240 12.62 -16.95 20.97
CA MET C 240 13.72 -16.68 21.91
C MET C 240 13.58 -17.59 23.12
N LEU C 241 13.03 -18.78 22.87
CA LEU C 241 12.93 -19.82 23.88
C LEU C 241 14.29 -20.50 24.08
N THR C 242 14.52 -20.97 25.29
CA THR C 242 15.79 -21.62 25.66
C THR C 242 15.54 -23.11 25.93
N LYS C 243 14.28 -23.50 26.07
CA LYS C 243 13.93 -24.90 26.31
C LYS C 243 12.79 -25.38 25.39
N GLU C 244 12.59 -26.69 25.35
CA GLU C 244 11.47 -27.28 24.63
C GLU C 244 10.19 -27.17 25.44
N LEU C 245 9.06 -26.96 24.75
CA LEU C 245 7.76 -26.83 25.39
C LEU C 245 6.80 -27.96 24.98
N TYR C 246 6.29 -28.67 25.97
CA TYR C 246 5.34 -29.78 25.76
C TYR C 246 4.09 -29.53 26.59
N PHE C 247 2.94 -29.48 25.93
CA PHE C 247 1.68 -29.23 26.62
C PHE C 247 1.21 -30.43 27.45
N TYR C 248 1.98 -31.51 27.40
CA TYR C 248 1.76 -32.70 28.24
C TYR C 248 2.94 -32.91 29.21
N HIS C 249 3.67 -34.01 29.04
CA HIS C 249 4.84 -34.39 29.83
C HIS C 249 4.57 -34.65 31.33
N ASP D 6 6.91 -37.90 6.12
CA ASP D 6 6.77 -36.74 5.18
C ASP D 6 6.78 -35.38 5.91
N ASN D 7 7.12 -35.40 7.19
CA ASN D 7 7.22 -34.17 7.99
C ASN D 7 8.66 -33.68 8.09
N SER D 8 9.50 -34.13 7.17
CA SER D 8 10.92 -33.77 7.17
C SER D 8 11.41 -33.46 5.77
N TYR D 9 12.32 -32.49 5.67
CA TYR D 9 12.97 -32.16 4.40
C TYR D 9 13.80 -33.34 3.91
N LYS D 10 13.73 -33.62 2.62
CA LYS D 10 14.54 -34.65 1.97
C LYS D 10 16.02 -34.28 2.11
N MET D 11 16.74 -35.04 2.91
CA MET D 11 18.15 -34.76 3.15
C MET D 11 19.11 -35.82 2.56
N ASP D 12 18.61 -36.58 1.58
CA ASP D 12 19.40 -37.64 0.95
C ASP D 12 19.63 -37.41 -0.54
N TYR D 13 19.93 -36.16 -0.90
CA TYR D 13 20.36 -35.83 -2.26
C TYR D 13 21.86 -36.13 -2.39
N PRO D 14 22.40 -36.20 -3.61
CA PRO D 14 23.83 -36.45 -3.80
C PRO D 14 24.70 -35.52 -2.94
N GLU D 15 24.43 -34.23 -2.98
CA GLU D 15 25.15 -33.23 -2.18
C GLU D 15 24.26 -32.69 -1.05
N MET D 16 24.90 -32.12 -0.03
CA MET D 16 24.20 -31.42 1.03
C MET D 16 23.88 -30.00 0.59
N GLY D 17 24.64 -29.50 -0.38
CA GLY D 17 24.54 -28.13 -0.85
C GLY D 17 25.72 -27.29 -0.41
N LEU D 18 25.88 -26.13 -1.02
CA LEU D 18 26.95 -25.21 -0.68
C LEU D 18 26.65 -24.44 0.61
N CYS D 19 27.68 -24.27 1.44
CA CYS D 19 27.61 -23.41 2.61
C CYS D 19 28.55 -22.22 2.45
N ILE D 20 28.02 -21.15 1.86
CA ILE D 20 28.76 -19.90 1.63
C ILE D 20 28.94 -19.14 2.96
N ILE D 21 30.14 -18.61 3.18
CA ILE D 21 30.42 -17.77 4.34
C ILE D 21 31.05 -16.46 3.91
N ILE D 22 30.35 -15.35 4.12
CA ILE D 22 30.94 -14.04 3.90
C ILE D 22 31.44 -13.49 5.23
N ASN D 23 32.76 -13.42 5.37
CA ASN D 23 33.41 -13.01 6.61
C ASN D 23 34.14 -11.70 6.43
N ASN D 24 33.62 -10.64 7.05
CA ASN D 24 34.21 -9.32 6.94
C ASN D 24 34.98 -8.94 8.19
N LYS D 25 36.02 -8.12 8.01
CA LYS D 25 37.00 -7.84 9.06
C LYS D 25 37.50 -6.40 8.99
N ASN D 26 37.78 -5.93 7.77
CA ASN D 26 38.40 -4.62 7.57
C ASN D 26 37.55 -3.75 6.64
N PHE D 27 37.23 -2.55 7.10
CA PHE D 27 36.36 -1.64 6.37
C PHE D 27 37.09 -0.33 6.05
N HIS D 28 36.72 0.29 4.94
CA HIS D 28 37.30 1.57 4.53
C HIS D 28 37.13 2.61 5.62
N LYS D 29 38.06 3.57 5.70
CA LYS D 29 37.90 4.69 6.62
C LYS D 29 36.75 5.59 6.15
N SER D 30 36.38 5.46 4.87
CA SER D 30 35.25 6.15 4.27
C SER D 30 33.93 5.74 4.91
N THR D 31 33.94 4.60 5.60
CA THR D 31 32.84 4.19 6.46
C THR D 31 33.11 4.71 7.87
N GLY D 32 34.34 4.49 8.35
CA GLY D 32 34.77 4.97 9.65
C GLY D 32 34.35 4.10 10.81
N MET D 33 34.20 2.80 10.55
CA MET D 33 33.87 1.84 11.61
C MET D 33 35.01 0.86 11.86
N THR D 34 35.14 0.46 13.12
CA THR D 34 36.28 -0.32 13.62
C THR D 34 36.46 -1.69 12.96
N SER D 35 37.63 -2.30 13.20
CA SER D 35 37.94 -3.62 12.67
C SER D 35 37.29 -4.73 13.49
N ARG D 36 36.93 -5.82 12.82
CA ARG D 36 36.20 -6.92 13.43
C ARG D 36 37.15 -7.99 13.97
N SER D 37 37.74 -7.70 15.12
CA SER D 37 38.72 -8.59 15.75
C SER D 37 38.08 -9.91 16.19
N GLY D 38 38.77 -11.01 15.91
CA GLY D 38 38.35 -12.34 16.35
C GLY D 38 37.36 -13.02 15.44
N THR D 39 37.03 -12.37 14.33
CA THR D 39 36.06 -12.92 13.37
C THR D 39 36.64 -14.09 12.56
N ASP D 40 37.96 -14.27 12.64
CA ASP D 40 38.66 -15.39 12.01
C ASP D 40 38.39 -16.70 12.75
N VAL D 41 38.25 -16.62 14.08
CA VAL D 41 37.90 -17.80 14.88
C VAL D 41 36.51 -18.29 14.47
N ASP D 42 35.65 -17.35 14.07
CA ASP D 42 34.28 -17.64 13.63
C ASP D 42 34.27 -18.37 12.30
N ALA D 43 34.82 -17.73 11.27
CA ALA D 43 34.85 -18.24 9.91
C ALA D 43 35.49 -19.63 9.81
N ALA D 44 36.62 -19.81 10.49
CA ALA D 44 37.31 -21.09 10.52
C ALA D 44 36.41 -22.13 11.16
N ASN D 45 35.98 -21.82 12.38
CA ASN D 45 35.12 -22.70 13.16
C ASN D 45 33.93 -23.21 12.38
N LEU D 46 33.26 -22.31 11.66
CA LEU D 46 32.11 -22.65 10.84
C LEU D 46 32.49 -23.57 9.68
N ARG D 47 33.45 -23.11 8.87
CA ARG D 47 33.98 -23.89 7.75
C ARG D 47 34.16 -25.35 8.11
N GLU D 48 34.83 -25.58 9.24
CA GLU D 48 35.07 -26.92 9.76
C GLU D 48 33.75 -27.62 10.12
N THR D 49 32.97 -27.00 11.03
CA THR D 49 31.73 -27.60 11.53
C THR D 49 30.74 -27.96 10.41
N PHE D 50 30.72 -27.18 9.34
CA PHE D 50 29.82 -27.45 8.23
C PHE D 50 30.38 -28.39 7.15
N ARG D 51 31.70 -28.39 6.97
CA ARG D 51 32.36 -29.41 6.16
C ARG D 51 32.15 -30.78 6.83
N ASN D 52 32.30 -30.79 8.15
CA ASN D 52 31.98 -31.92 9.01
C ASN D 52 30.58 -32.49 8.78
N LEU D 53 29.73 -31.70 8.11
CA LEU D 53 28.33 -32.06 7.90
C LEU D 53 28.04 -32.35 6.44
N LYS D 54 29.12 -32.48 5.65
CA LYS D 54 29.07 -32.82 4.21
C LYS D 54 28.66 -31.67 3.29
N TYR D 55 28.91 -30.43 3.73
CA TYR D 55 28.62 -29.24 2.92
C TYR D 55 29.83 -28.83 2.11
N GLU D 56 29.59 -28.44 0.87
CA GLU D 56 30.59 -27.79 0.03
C GLU D 56 30.71 -26.32 0.46
N VAL D 57 31.66 -26.05 1.35
CA VAL D 57 31.88 -24.72 1.90
C VAL D 57 32.68 -23.80 0.97
N ARG D 58 32.37 -22.52 0.99
CA ARG D 58 33.18 -21.51 0.32
C ARG D 58 33.33 -20.30 1.23
N ASN D 59 34.58 -19.93 1.54
CA ASN D 59 34.82 -18.75 2.36
C ASN D 59 35.24 -17.58 1.51
N LYS D 60 34.53 -16.47 1.69
CA LYS D 60 34.93 -15.20 1.10
C LYS D 60 35.28 -14.26 2.25
N ASN D 61 36.11 -13.25 1.96
CA ASN D 61 36.57 -12.32 2.99
C ASN D 61 36.69 -10.87 2.54
N ASP D 62 36.26 -9.96 3.43
CA ASP D 62 36.37 -8.51 3.22
C ASP D 62 35.92 -8.07 1.81
N LEU D 63 34.68 -8.40 1.45
CA LEU D 63 34.10 -7.97 0.19
C LEU D 63 33.26 -6.69 0.32
N THR D 64 33.11 -6.00 -0.80
CA THR D 64 32.31 -4.78 -0.87
C THR D 64 30.81 -5.09 -0.85
N ARG D 65 30.01 -4.03 -0.74
CA ARG D 65 28.56 -4.14 -0.85
C ARG D 65 28.16 -4.70 -2.22
N GLU D 66 28.90 -4.31 -3.25
CA GLU D 66 28.66 -4.76 -4.62
C GLU D 66 29.05 -6.22 -4.82
N GLU D 67 30.15 -6.62 -4.19
CA GLU D 67 30.68 -7.98 -4.35
C GLU D 67 29.77 -9.01 -3.70
N ILE D 68 29.19 -8.66 -2.54
CA ILE D 68 28.23 -9.52 -1.84
C ILE D 68 26.98 -9.76 -2.70
N VAL D 69 26.42 -8.68 -3.24
CA VAL D 69 25.27 -8.80 -4.14
C VAL D 69 25.62 -9.72 -5.29
N GLU D 70 26.68 -9.38 -6.04
CA GLU D 70 27.11 -10.15 -7.21
C GLU D 70 27.38 -11.63 -6.87
N LEU D 71 28.00 -11.87 -5.72
CA LEU D 71 28.27 -13.22 -5.24
C LEU D 71 26.97 -14.04 -5.10
N MET D 72 26.05 -13.57 -4.25
CA MET D 72 24.75 -14.22 -4.05
C MET D 72 23.99 -14.31 -5.37
N ARG D 73 23.99 -13.22 -6.13
CA ARG D 73 23.40 -13.18 -7.48
C ARG D 73 23.85 -14.38 -8.31
N ASP D 74 25.14 -14.71 -8.21
CA ASP D 74 25.73 -15.80 -8.98
C ASP D 74 25.50 -17.17 -8.34
N VAL D 75 25.61 -17.23 -7.01
CA VAL D 75 25.38 -18.47 -6.26
C VAL D 75 23.91 -18.92 -6.37
N SER D 76 23.00 -17.97 -6.53
CA SER D 76 21.59 -18.30 -6.75
C SER D 76 21.32 -18.69 -8.20
N LYS D 77 22.19 -18.24 -9.11
CA LYS D 77 22.03 -18.49 -10.54
C LYS D 77 22.53 -19.88 -10.95
N GLU D 78 23.22 -20.57 -10.02
CA GLU D 78 23.78 -21.90 -10.24
C GLU D 78 22.69 -22.97 -10.41
N ASP D 79 23.11 -24.24 -10.35
CA ASP D 79 22.17 -25.35 -10.39
C ASP D 79 22.25 -26.18 -9.12
N HIS D 80 21.23 -26.06 -8.27
CA HIS D 80 21.20 -26.73 -6.97
C HIS D 80 20.34 -27.99 -6.99
N SER D 81 19.95 -28.45 -8.18
CA SER D 81 19.06 -29.64 -8.31
C SER D 81 19.58 -30.85 -7.53
N LYS D 82 20.90 -31.05 -7.56
CA LYS D 82 21.55 -32.17 -6.87
C LYS D 82 21.78 -31.89 -5.38
N ARG D 83 21.57 -30.65 -4.98
CA ARG D 83 21.81 -30.22 -3.61
C ARG D 83 20.54 -30.32 -2.76
N SER D 84 20.72 -30.66 -1.49
CA SER D 84 19.61 -30.91 -0.58
C SER D 84 19.11 -29.63 0.11
N SER D 85 19.98 -28.65 0.23
CA SER D 85 19.70 -27.42 0.96
C SER D 85 20.67 -26.29 0.59
N PHE D 86 20.68 -25.23 1.40
CA PHE D 86 21.58 -24.10 1.21
C PHE D 86 21.83 -23.39 2.54
N VAL D 87 23.07 -22.97 2.76
CA VAL D 87 23.49 -22.31 3.99
C VAL D 87 24.31 -21.08 3.66
N CYS D 88 23.89 -19.92 4.14
CA CYS D 88 24.67 -18.71 3.96
C CYS D 88 24.89 -18.06 5.31
N VAL D 89 26.15 -17.84 5.67
CA VAL D 89 26.50 -17.30 6.98
C VAL D 89 27.12 -15.93 6.83
N LEU D 90 26.63 -14.97 7.61
CA LEU D 90 27.14 -13.61 7.54
C LEU D 90 27.74 -13.17 8.87
N LEU D 91 29.04 -12.90 8.83
CA LEU D 91 29.77 -12.39 9.98
C LEU D 91 30.25 -11.01 9.64
N SER D 92 29.60 -10.00 10.22
CA SER D 92 29.91 -8.59 9.92
C SER D 92 29.32 -7.64 10.95
N HIS D 93 29.59 -6.35 10.77
CA HIS D 93 28.92 -5.32 11.53
C HIS D 93 27.52 -5.14 10.94
N GLY D 94 26.54 -4.87 11.79
CA GLY D 94 25.18 -4.76 11.30
C GLY D 94 24.29 -3.78 12.02
N GLU D 95 23.18 -3.45 11.35
CA GLU D 95 22.05 -2.75 11.98
C GLU D 95 20.82 -3.64 11.78
N GLU D 96 19.65 -3.19 12.22
CA GLU D 96 18.42 -3.96 12.02
C GLU D 96 18.12 -4.18 10.54
N GLY D 97 18.18 -5.43 10.12
CA GLY D 97 17.92 -5.79 8.74
C GLY D 97 19.04 -5.44 7.77
N ILE D 98 20.21 -5.07 8.30
CA ILE D 98 21.36 -4.71 7.49
C ILE D 98 22.63 -5.38 8.00
N ILE D 99 23.39 -5.98 7.11
CA ILE D 99 24.76 -6.38 7.42
C ILE D 99 25.70 -5.53 6.59
N PHE D 100 26.91 -5.30 7.11
CA PHE D 100 27.84 -4.40 6.44
C PHE D 100 28.84 -5.11 5.53
N GLY D 101 28.96 -4.57 4.32
CA GLY D 101 30.08 -4.90 3.45
C GLY D 101 31.31 -4.16 3.95
N THR D 102 32.34 -4.06 3.13
CA THR D 102 33.53 -3.30 3.52
C THR D 102 33.36 -1.82 3.24
N ASN D 103 32.79 -1.49 2.08
CA ASN D 103 32.58 -0.10 1.70
C ASN D 103 31.23 0.48 2.15
N GLY D 104 30.31 -0.38 2.61
CA GLY D 104 29.01 0.08 3.06
C GLY D 104 27.95 -0.96 3.39
N PRO D 105 26.70 -0.51 3.51
CA PRO D 105 25.58 -1.36 3.96
C PRO D 105 24.88 -2.12 2.83
N VAL D 106 24.37 -3.30 3.16
CA VAL D 106 23.54 -4.10 2.26
C VAL D 106 22.27 -4.56 3.01
N ASP D 107 21.11 -4.35 2.41
CA ASP D 107 19.85 -4.82 2.97
C ASP D 107 19.74 -6.34 2.90
N LEU D 108 19.56 -6.98 4.07
CA LEU D 108 19.48 -8.44 4.16
C LEU D 108 18.45 -9.01 3.20
N LYS D 109 17.40 -8.23 2.97
CA LYS D 109 16.30 -8.62 2.09
C LYS D 109 16.70 -8.67 0.63
N LYS D 110 17.64 -7.80 0.23
CA LYS D 110 18.18 -7.82 -1.14
C LYS D 110 18.91 -9.13 -1.43
N ILE D 111 19.69 -9.59 -0.47
CA ILE D 111 20.50 -10.80 -0.62
C ILE D 111 19.73 -12.12 -0.42
N THR D 112 18.71 -12.11 0.45
CA THR D 112 17.87 -13.30 0.60
C THR D 112 16.84 -13.45 -0.53
N ASN D 113 16.48 -12.34 -1.17
CA ASN D 113 15.57 -12.38 -2.32
C ASN D 113 16.12 -13.14 -3.52
N PHE D 114 17.44 -13.28 -3.60
CA PHE D 114 18.07 -14.03 -4.71
C PHE D 114 17.68 -15.50 -4.69
N PHE D 115 17.31 -16.02 -3.52
CA PHE D 115 16.98 -17.43 -3.37
C PHE D 115 15.50 -17.67 -3.19
N ARG D 116 14.72 -16.60 -3.26
CA ARG D 116 13.26 -16.65 -3.17
C ARG D 116 12.66 -17.49 -4.29
N GLY D 117 12.12 -18.66 -3.94
CA GLY D 117 11.52 -19.61 -4.87
C GLY D 117 11.50 -19.27 -6.36
N ASP D 118 10.69 -18.28 -6.73
CA ASP D 118 10.50 -17.85 -8.12
C ASP D 118 11.72 -17.18 -8.76
N ARG D 119 12.87 -17.26 -8.08
CA ARG D 119 14.13 -16.71 -8.56
C ARG D 119 15.24 -17.76 -8.51
N CYS D 120 15.04 -18.78 -7.69
CA CYS D 120 15.96 -19.90 -7.62
C CYS D 120 15.19 -21.23 -7.66
N ARG D 121 14.67 -21.55 -8.84
CA ARG D 121 13.89 -22.76 -9.10
C ARG D 121 14.53 -24.02 -8.54
N SER D 122 15.86 -24.11 -8.64
CA SER D 122 16.63 -25.28 -8.24
C SER D 122 16.53 -25.56 -6.73
N LEU D 123 16.18 -24.54 -5.96
CA LEU D 123 16.08 -24.66 -4.51
C LEU D 123 14.64 -24.68 -3.94
N THR D 124 13.65 -24.53 -4.82
CA THR D 124 12.23 -24.64 -4.45
C THR D 124 11.99 -25.89 -3.61
N GLY D 125 11.20 -25.76 -2.55
CA GLY D 125 10.88 -26.88 -1.67
C GLY D 125 12.01 -27.31 -0.74
N LYS D 126 13.17 -26.64 -0.82
CA LYS D 126 14.33 -26.97 0.02
C LYS D 126 14.67 -25.86 1.03
N PRO D 127 15.12 -26.25 2.22
CA PRO D 127 15.45 -25.30 3.30
C PRO D 127 16.66 -24.43 3.01
N LYS D 128 16.44 -23.12 3.04
CA LYS D 128 17.45 -22.13 2.72
C LYS D 128 17.88 -21.45 4.03
N LEU D 129 19.02 -21.87 4.58
CA LEU D 129 19.45 -21.46 5.92
C LEU D 129 20.38 -20.25 5.96
N PHE D 130 19.90 -19.18 6.57
CA PHE D 130 20.67 -17.94 6.73
C PHE D 130 21.03 -17.73 8.19
N ILE D 131 22.34 -17.60 8.46
CA ILE D 131 22.83 -17.50 9.81
C ILE D 131 23.59 -16.18 9.96
N ILE D 132 23.06 -15.31 10.81
CA ILE D 132 23.48 -13.91 10.85
C ILE D 132 24.16 -13.54 12.17
N GLN D 133 25.46 -13.25 12.07
CA GLN D 133 26.24 -12.77 13.19
C GLN D 133 26.57 -11.31 12.88
N ALA D 134 25.79 -10.43 13.49
CA ALA D 134 25.87 -9.00 13.29
C ALA D 134 24.98 -8.30 14.31
N OCS D 135 25.23 -7.01 14.50
CA OCS D 135 24.43 -6.18 15.37
CB OCS D 135 25.11 -4.81 15.57
SG OCS D 135 26.75 -4.97 15.89
C OCS D 135 23.07 -5.99 14.73
O OCS D 135 22.96 -5.94 13.51
OD1 OCS D 135 27.36 -3.63 16.06
OD2 OCS D 135 26.88 -5.77 17.13
OD3 OCS D 135 27.47 -5.61 14.75
N ARG D 136 22.03 -5.92 15.56
CA ARG D 136 20.70 -5.59 15.09
C ARG D 136 20.27 -4.26 15.70
N GLY D 137 21.19 -3.67 16.45
CA GLY D 137 21.00 -2.36 17.04
C GLY D 137 22.04 -2.09 18.11
N THR D 138 21.84 -0.99 18.83
CA THR D 138 22.77 -0.54 19.86
C THR D 138 22.32 -0.95 21.27
N GLU D 139 21.11 -1.48 21.36
CA GLU D 139 20.50 -1.80 22.65
C GLU D 139 21.19 -3.00 23.32
N LEU D 140 21.29 -2.93 24.64
CA LEU D 140 21.93 -3.98 25.44
C LEU D 140 20.94 -4.60 26.40
N ASP D 141 21.10 -5.91 26.63
CA ASP D 141 20.25 -6.64 27.56
C ASP D 141 20.94 -6.66 28.91
N CYS D 142 20.35 -5.98 29.89
CA CYS D 142 20.89 -5.93 31.24
C CYS D 142 20.71 -7.26 31.96
N GLY D 143 19.71 -8.03 31.52
CA GLY D 143 19.44 -9.34 32.10
C GLY D 143 18.79 -9.24 33.47
N ILE D 144 18.36 -10.40 33.99
CA ILE D 144 17.73 -10.46 35.31
C ILE D 144 18.31 -11.58 36.17
N GLU D 145 18.60 -11.24 37.42
CA GLU D 145 19.11 -12.19 38.41
C GLU D 145 18.03 -13.18 38.85
N HIS D 157 -0.91 -26.45 -6.02
CA HIS D 157 0.39 -26.80 -6.60
C HIS D 157 1.43 -25.74 -6.29
N LYS D 158 1.01 -24.66 -5.64
CA LYS D 158 1.92 -23.58 -5.29
C LYS D 158 2.31 -23.62 -3.82
N ILE D 159 3.49 -23.11 -3.53
CA ILE D 159 3.92 -22.80 -2.16
C ILE D 159 4.30 -21.31 -2.12
N PRO D 160 4.31 -20.68 -0.94
CA PRO D 160 4.69 -19.27 -0.86
C PRO D 160 6.17 -19.06 -1.15
N VAL D 161 6.48 -18.02 -1.92
CA VAL D 161 7.87 -17.70 -2.25
C VAL D 161 8.71 -17.44 -1.01
N ASP D 162 8.09 -17.05 0.09
CA ASP D 162 8.86 -16.76 1.30
C ASP D 162 9.01 -18.03 2.17
N ALA D 163 8.39 -19.13 1.74
CA ALA D 163 8.42 -20.38 2.50
C ALA D 163 9.77 -21.10 2.41
N ASP D 164 10.04 -21.92 3.43
CA ASP D 164 11.26 -22.76 3.52
C ASP D 164 12.54 -21.96 3.75
N PHE D 165 12.40 -20.83 4.43
CA PHE D 165 13.53 -20.00 4.82
C PHE D 165 13.70 -20.12 6.33
N LEU D 166 14.95 -20.10 6.79
CA LEU D 166 15.22 -19.97 8.21
C LEU D 166 16.32 -18.93 8.42
N TYR D 167 16.06 -18.02 9.35
CA TYR D 167 17.01 -16.98 9.70
C TYR D 167 17.39 -17.13 11.16
N ALA D 168 18.58 -17.70 11.37
CA ALA D 168 19.14 -17.89 12.70
C ALA D 168 19.93 -16.64 13.12
N TYR D 169 19.25 -15.71 13.79
CA TYR D 169 19.88 -14.48 14.25
C TYR D 169 20.65 -14.65 15.57
N SER D 170 21.79 -13.95 15.67
CA SER D 170 22.61 -13.97 16.88
C SER D 170 21.98 -13.25 18.07
N THR D 171 21.17 -12.22 17.79
CA THR D 171 20.53 -11.42 18.83
C THR D 171 19.07 -11.08 18.48
N ALA D 172 18.35 -10.58 19.48
CA ALA D 172 16.99 -10.07 19.33
C ALA D 172 16.98 -8.78 18.48
N PRO D 173 15.85 -8.46 17.85
CA PRO D 173 15.74 -7.21 17.07
C PRO D 173 16.11 -5.97 17.88
N GLY D 174 16.87 -5.07 17.28
CA GLY D 174 17.28 -3.84 17.92
C GLY D 174 18.39 -3.95 18.96
N TYR D 175 18.93 -5.16 19.16
CA TYR D 175 19.96 -5.40 20.17
C TYR D 175 21.37 -5.57 19.59
N TYR D 176 22.37 -5.24 20.40
CA TYR D 176 23.79 -5.41 20.05
C TYR D 176 24.18 -6.89 20.08
N SER D 177 25.13 -7.26 19.23
CA SER D 177 25.63 -8.64 19.21
C SER D 177 27.03 -8.74 19.83
N TRP D 178 27.15 -9.57 20.85
CA TRP D 178 28.36 -9.67 21.65
C TRP D 178 29.39 -10.64 21.09
N ARG D 179 30.56 -10.10 20.74
CA ARG D 179 31.65 -10.90 20.19
C ARG D 179 32.99 -10.68 20.89
N ASN D 180 33.57 -11.76 21.39
CA ASN D 180 34.93 -11.77 21.92
C ASN D 180 35.94 -11.88 20.76
N SER D 181 37.14 -11.35 20.97
CA SER D 181 38.19 -11.36 19.95
C SER D 181 39.33 -12.34 20.27
N LYS D 182 39.00 -13.43 20.95
CA LYS D 182 39.96 -14.44 21.36
C LYS D 182 39.31 -15.82 21.30
N ASP D 183 37.99 -15.82 21.26
CA ASP D 183 37.18 -17.03 21.20
C ASP D 183 36.16 -16.92 20.06
N GLY D 184 35.96 -15.69 19.56
CA GLY D 184 34.94 -15.43 18.57
C GLY D 184 33.61 -15.04 19.21
N SER D 185 32.60 -14.83 18.37
CA SER D 185 31.27 -14.43 18.84
C SER D 185 30.61 -15.47 19.73
N TRP D 186 29.76 -15.02 20.66
CA TRP D 186 29.00 -15.89 21.55
C TRP D 186 28.09 -16.83 20.78
N PHE D 187 27.49 -16.33 19.71
CA PHE D 187 26.52 -17.08 18.93
C PHE D 187 27.17 -18.18 18.11
N ILE D 188 28.18 -17.83 17.34
CA ILE D 188 28.83 -18.78 16.43
C ILE D 188 29.56 -19.88 17.22
N GLN D 189 30.21 -19.49 18.32
CA GLN D 189 30.82 -20.44 19.25
C GLN D 189 29.79 -21.48 19.66
N SER D 190 28.64 -20.99 20.13
CA SER D 190 27.57 -21.84 20.65
C SER D 190 26.88 -22.62 19.53
N LEU D 191 26.64 -21.95 18.41
CA LEU D 191 26.05 -22.61 17.24
C LEU D 191 26.88 -23.84 16.85
N CYS D 192 28.20 -23.65 16.74
CA CYS D 192 29.11 -24.75 16.41
C CYS D 192 29.12 -25.86 17.46
N ALA D 193 29.29 -25.49 18.73
CA ALA D 193 29.33 -26.47 19.82
C ALA D 193 28.06 -27.32 19.91
N MET D 194 26.92 -26.73 19.56
CA MET D 194 25.65 -27.43 19.62
C MET D 194 25.45 -28.34 18.41
N LEU D 195 25.85 -27.86 17.24
CA LEU D 195 25.78 -28.64 16.02
C LEU D 195 26.62 -29.92 16.10
N LYS D 196 27.85 -29.81 16.61
CA LYS D 196 28.72 -30.98 16.74
C LYS D 196 28.20 -32.00 17.76
N GLN D 197 27.61 -31.49 18.84
CA GLN D 197 27.09 -32.34 19.91
C GLN D 197 25.69 -32.89 19.65
N TYR D 198 24.97 -32.33 18.67
CA TYR D 198 23.55 -32.68 18.48
C TYR D 198 23.03 -32.88 17.05
N ALA D 199 23.80 -32.46 16.04
CA ALA D 199 23.36 -32.57 14.64
C ALA D 199 22.89 -33.97 14.24
N ASP D 200 23.46 -34.98 14.88
CA ASP D 200 23.16 -36.38 14.56
C ASP D 200 22.17 -37.01 15.54
N LYS D 201 21.47 -36.16 16.30
CA LYS D 201 20.56 -36.65 17.32
C LYS D 201 19.30 -35.79 17.48
N LEU D 202 19.42 -34.49 17.22
CA LEU D 202 18.30 -33.56 17.42
C LEU D 202 17.83 -32.89 16.12
N GLU D 203 16.55 -32.55 16.09
CA GLU D 203 15.99 -31.70 15.04
C GLU D 203 16.61 -30.30 15.12
N PHE D 204 16.82 -29.68 13.96
CA PHE D 204 17.51 -28.38 13.85
C PHE D 204 16.94 -27.26 14.73
N MET D 205 15.62 -27.21 14.87
CA MET D 205 15.00 -26.21 15.74
C MET D 205 15.45 -26.38 17.18
N HIS D 206 15.41 -27.63 17.65
CA HIS D 206 15.81 -27.99 19.01
C HIS D 206 17.30 -27.79 19.24
N ILE D 207 18.11 -28.00 18.21
CA ILE D 207 19.51 -27.64 18.23
C ILE D 207 19.65 -26.14 18.45
N LEU D 208 18.95 -25.35 17.63
CA LEU D 208 18.98 -23.89 17.76
C LEU D 208 18.41 -23.41 19.10
N THR D 209 17.49 -24.19 19.67
CA THR D 209 16.96 -23.92 21.01
C THR D 209 18.06 -24.10 22.08
N ARG D 210 18.88 -25.15 21.93
CA ARG D 210 20.01 -25.38 22.82
C ARG D 210 21.05 -24.28 22.66
N VAL D 211 21.21 -23.81 21.42
CA VAL D 211 22.10 -22.68 21.12
C VAL D 211 21.65 -21.44 21.86
N ASN D 212 20.33 -21.24 21.93
CA ASN D 212 19.74 -20.14 22.69
C ASN D 212 19.95 -20.27 24.19
N ARG D 213 19.80 -21.50 24.72
CA ARG D 213 20.01 -21.74 26.14
C ARG D 213 21.47 -21.60 26.56
N LYS D 214 22.39 -22.02 25.70
CA LYS D 214 23.82 -21.89 25.95
C LYS D 214 24.27 -20.43 25.95
N VAL D 215 23.79 -19.66 24.98
CA VAL D 215 24.10 -18.24 24.91
C VAL D 215 23.49 -17.49 26.10
N ALA D 216 22.29 -17.89 26.49
CA ALA D 216 21.55 -17.21 27.55
C ALA D 216 22.12 -17.41 28.96
N THR D 217 22.76 -18.56 29.21
CA THR D 217 23.16 -18.95 30.56
C THR D 217 24.67 -18.98 30.80
N GLU D 218 25.46 -19.21 29.77
CA GLU D 218 26.90 -19.42 29.95
C GLU D 218 27.74 -18.18 29.65
N PHE D 219 27.15 -17.23 28.96
CA PHE D 219 27.86 -16.03 28.53
C PHE D 219 27.36 -14.78 29.23
N GLU D 220 28.30 -13.98 29.73
CA GLU D 220 28.02 -12.68 30.32
C GLU D 220 29.20 -11.78 30.00
N SER D 221 28.93 -10.51 29.70
CA SER D 221 29.99 -9.58 29.34
C SER D 221 30.81 -9.13 30.56
N PHE D 222 31.98 -8.56 30.30
CA PHE D 222 32.85 -8.02 31.33
C PHE D 222 33.53 -6.76 30.79
N SER D 223 33.48 -5.68 31.57
CA SER D 223 34.15 -4.43 31.19
C SER D 223 34.61 -3.61 32.41
N PHE D 224 35.56 -2.70 32.17
CA PHE D 224 35.98 -1.70 33.15
C PHE D 224 35.21 -0.41 32.88
N ASP D 225 33.91 -0.59 32.66
CA ASP D 225 32.98 0.44 32.23
C ASP D 225 31.61 -0.19 32.45
N ALA D 226 30.92 0.24 33.50
CA ALA D 226 29.65 -0.36 33.93
C ALA D 226 28.52 -0.26 32.89
N THR D 227 28.71 0.61 31.91
CA THR D 227 27.80 0.76 30.78
C THR D 227 27.73 -0.48 29.89
N PHE D 228 28.83 -1.26 29.89
CA PHE D 228 28.99 -2.41 29.00
C PHE D 228 29.23 -3.71 29.76
N HIS D 229 29.29 -3.62 31.09
CA HIS D 229 29.60 -4.78 31.92
C HIS D 229 28.35 -5.53 32.39
N ALA D 230 28.46 -6.85 32.51
CA ALA D 230 27.39 -7.73 33.01
C ALA D 230 26.15 -7.80 32.10
N LYS D 231 26.36 -7.55 30.81
CA LYS D 231 25.28 -7.61 29.82
C LYS D 231 25.02 -9.02 29.31
N LYS D 232 23.81 -9.24 28.79
CA LYS D 232 23.36 -10.54 28.31
C LYS D 232 22.96 -10.54 26.82
N GLN D 233 22.75 -11.74 26.28
CA GLN D 233 22.32 -11.91 24.90
C GLN D 233 21.39 -13.11 24.73
N ILE D 234 20.39 -12.94 23.87
CA ILE D 234 19.55 -14.05 23.43
C ILE D 234 19.55 -14.07 21.91
N PRO D 235 19.84 -15.23 21.32
CA PRO D 235 19.62 -15.42 19.88
C PRO D 235 18.14 -15.45 19.52
N CYS D 236 17.87 -15.22 18.24
CA CYS D 236 16.53 -15.08 17.73
C CYS D 236 16.36 -15.99 16.52
N ILE D 237 15.60 -17.08 16.71
CA ILE D 237 15.31 -18.03 15.64
C ILE D 237 14.08 -17.63 14.85
N VAL D 238 14.27 -17.24 13.58
CA VAL D 238 13.16 -16.88 12.70
C VAL D 238 12.93 -17.98 11.64
N SER D 239 11.84 -18.74 11.79
CA SER D 239 11.61 -19.89 10.91
C SER D 239 10.34 -19.85 10.06
N MET D 240 10.52 -19.87 8.74
CA MET D 240 9.42 -20.06 7.81
C MET D 240 9.55 -21.44 7.14
N LEU D 241 10.13 -22.38 7.87
CA LEU D 241 10.27 -23.75 7.38
C LEU D 241 8.95 -24.45 7.46
N THR D 242 8.71 -25.40 6.55
CA THR D 242 7.45 -26.14 6.49
C THR D 242 7.61 -27.57 6.98
N LYS D 243 8.86 -28.01 7.17
CA LYS D 243 9.15 -29.37 7.60
C LYS D 243 10.25 -29.35 8.65
N GLU D 244 10.41 -30.48 9.35
CA GLU D 244 11.51 -30.68 10.29
C GLU D 244 12.77 -30.99 9.51
N LEU D 245 13.89 -30.44 9.97
CA LEU D 245 15.17 -30.61 9.28
C LEU D 245 16.14 -31.42 10.14
N TYR D 246 16.53 -32.58 9.62
CA TYR D 246 17.50 -33.48 10.27
C TYR D 246 18.77 -33.59 9.41
N PHE D 247 19.93 -33.52 10.06
CA PHE D 247 21.20 -33.59 9.36
C PHE D 247 21.64 -35.04 9.12
N TYR D 248 21.48 -35.88 10.13
CA TYR D 248 21.76 -37.31 10.01
C TYR D 248 20.75 -38.01 9.10
N HIS D 249 19.48 -37.65 9.26
CA HIS D 249 18.39 -38.22 8.48
C HIS D 249 18.09 -37.33 7.28
FAN RXD E . 2.63 8.06 -4.53
CAN RXD E . 3.00 7.02 -5.34
CAO RXD E . 2.86 5.71 -4.56
OAU RXD E . 1.62 5.07 -4.91
CAZ RXD E . 1.51 3.71 -5.06
CAI RXD E . 2.49 2.87 -4.52
CAG RXD E . 2.43 1.49 -4.67
CAH RXD E . 1.35 0.94 -5.37
CAL RXD E . 0.43 3.15 -5.76
CAX RXD E . 0.35 1.75 -5.92
NAR RXD E . -0.68 1.17 -6.61
CAV RXD E . -0.81 -0.18 -6.66
OAA RXD E . 0.07 -0.99 -6.35
CAP RXD E . -2.13 -0.70 -7.13
CAQ RXD E . -2.48 -2.05 -6.52
CAW RXD E . -1.44 -3.13 -6.73
OAB RXD E . -1.01 -3.42 -7.84
NAS RXD E . -1.03 -3.77 -5.63
CAY RXD E . -1.48 -3.45 -4.33
CAJ RXD E . -0.50 -3.28 -3.35
CAK RXD E . -0.87 -2.95 -2.05
CBD RXD E . -2.23 -2.79 -1.75
CBE RXD E . -3.23 -2.94 -2.73
CBC RXD E . -4.57 -2.76 -2.35
OAE RXD E . -5.50 -2.89 -3.18
CAM RXD E . -2.86 -3.27 -4.03
CBB RXD E . -2.58 -2.45 -0.45
OAD RXD E . -1.66 -2.33 0.38
NAT RXD E . -3.88 -2.29 -0.10
CBA RXD E . -4.86 -2.44 -1.02
OAC RXD E . -6.06 -2.27 -0.69
#